data_2XKN
#
_entry.id   2XKN
#
_cell.length_a   169.034
_cell.length_b   57.327
_cell.length_c   121.023
_cell.angle_alpha   90.00
_cell.angle_beta   122.51
_cell.angle_gamma   90.00
#
_symmetry.space_group_name_H-M   'C 1 2 1'
#
loop_
_entity.id
_entity.type
_entity.pdbx_description
1 polymer 'ANTI-EGFR ANTIBODY 7A7'
2 polymer 'ANTI-EGFR ANTIBODY 7A7'
3 non-polymer 2-{2-[2-(2-{2-[2-(2-ETHOXY-ETHOXY)-ETHOXY]-ETHOXY}-ETHOXY)-ETHOXY]-ETHOXY}-ETHANOL
4 water water
#
loop_
_entity_poly.entity_id
_entity_poly.type
_entity_poly.pdbx_seq_one_letter_code
_entity_poly.pdbx_strand_id
1 'polypeptide(L)'
;DIQMTQTTSSLSASLGDRVTISCRASQDISNYLNWYQQKPDGTVKLLIYYTSRLHSGVTSRFSGSGSGTDYSLTISNLEQ
EDIATYFCQQGNTLPWTFGGGTKVEIKRADAAPTVSIFPPSSEQLTSGGASVVCFLNNFYPKDINVKWKIDGSERQNGVL
NSWTDQDSKDSTYSMSSTLTLTKDEYERHNSYTCEATHKTSTSPIVKSFNRNECEVMLVESGG
;
A,C
2 'polypeptide(L)'
;EVMLVESGGVLVKPGGSLKLSCAASGFTFSRYAMSWVRQTPEKRLEWVATISSGGSYSYYPDSVKGRFTISRDNVKNTLY
LQMSSLRSEDTAMYYCARDSGGFAYWGQGTLVTVSAAKTTPPSVYPLAPVCGDTTGSSVTLGCLVKGYFPEPVTVTWNSG
SLSSGVHTFPAVLQSDLYTLSSSVTVPSSTWPSQSVTCNVAHPASSTKVDKKIEPR
;
B,D
#
loop_
_chem_comp.id
_chem_comp.type
_chem_comp.name
_chem_comp.formula
PE4 non-polymer 2-{2-[2-(2-{2-[2-(2-ETHOXY-ETHOXY)-ETHOXY]-ETHOXY}-ETHOXY)-ETHOXY]-ETHOXY}-ETHANOL 'C16 H34 O8'
#
# COMPACT_ATOMS: atom_id res chain seq x y z
N ASP A 1 -43.86 17.70 18.88
CA ASP A 1 -42.74 16.77 18.83
C ASP A 1 -41.46 17.56 19.09
N ILE A 2 -40.45 16.89 19.61
CA ILE A 2 -39.15 17.48 19.90
C ILE A 2 -38.16 17.18 18.78
N GLN A 3 -37.49 18.21 18.28
CA GLN A 3 -36.45 18.01 17.25
C GLN A 3 -35.08 17.95 17.88
N MET A 4 -34.32 16.93 17.49
CA MET A 4 -32.95 16.75 17.95
C MET A 4 -31.97 17.11 16.83
N THR A 5 -31.02 17.97 17.13
CA THR A 5 -30.09 18.44 16.10
C THR A 5 -28.66 18.18 16.51
N GLN A 6 -27.94 17.45 15.67
N GLN A 6 -27.89 17.47 15.70
CA GLN A 6 -26.51 17.23 15.80
CA GLN A 6 -26.49 17.23 16.07
C GLN A 6 -25.81 18.10 14.75
C GLN A 6 -25.63 18.34 15.50
N THR A 7 -25.57 19.35 15.14
N THR A 7 -24.67 18.83 16.30
CA THR A 7 -25.07 20.40 14.25
CA THR A 7 -24.02 20.08 15.93
C THR A 7 -23.86 20.01 13.40
C THR A 7 -23.22 19.98 14.65
N THR A 8 -23.01 19.14 13.94
N THR A 8 -22.62 18.80 14.42
CA THR A 8 -21.90 18.60 13.16
CA THR A 8 -21.88 18.55 13.19
C THR A 8 -22.26 17.18 12.68
C THR A 8 -22.24 17.15 12.67
N SER A 9 -22.37 17.01 11.36
CA SER A 9 -22.79 15.73 10.82
C SER A 9 -21.61 14.80 10.60
N SER A 10 -20.40 15.36 10.64
CA SER A 10 -19.20 14.53 10.54
C SER A 10 -18.04 15.19 11.25
N LEU A 11 -17.13 14.38 11.75
CA LEU A 11 -15.90 14.89 12.31
C LEU A 11 -14.76 13.97 11.98
N SER A 12 -13.55 14.53 11.99
CA SER A 12 -12.36 13.79 11.67
C SER A 12 -11.39 14.02 12.81
N ALA A 13 -10.84 12.94 13.36
CA ALA A 13 -9.95 13.02 14.51
C ALA A 13 -8.88 11.92 14.46
N SER A 14 -7.80 12.11 15.20
CA SER A 14 -6.70 11.16 15.18
C SER A 14 -6.82 10.12 16.28
N LEU A 15 -6.25 8.94 16.06
CA LEU A 15 -6.18 7.95 17.12
C LEU A 15 -5.62 8.57 18.38
N GLY A 16 -6.29 8.32 19.51
CA GLY A 16 -5.86 8.82 20.79
C GLY A 16 -6.52 10.13 21.19
N ASP A 17 -7.15 10.81 20.23
CA ASP A 17 -7.78 12.10 20.52
C ASP A 17 -8.99 11.93 21.43
N ARG A 18 -9.25 12.94 22.25
CA ARG A 18 -10.51 13.02 22.98
C ARG A 18 -11.50 13.68 22.05
N VAL A 19 -12.62 13.02 21.81
CA VAL A 19 -13.61 13.46 20.82
C VAL A 19 -14.94 13.68 21.49
N THR A 20 -15.56 14.81 21.20
CA THR A 20 -16.89 15.14 21.73
C THR A 20 -17.90 15.29 20.60
N ILE A 21 -19.03 14.62 20.77
CA ILE A 21 -20.14 14.68 19.82
C ILE A 21 -21.30 15.32 20.53
N SER A 22 -21.87 16.37 19.95
CA SER A 22 -22.87 17.13 20.65
C SER A 22 -24.26 17.07 20.03
N CYS A 23 -25.27 17.34 20.82
CA CYS A 23 -26.70 17.20 20.47
C CYS A 23 -27.45 18.34 21.16
N ARG A 24 -28.37 18.95 20.43
CA ARG A 24 -29.25 19.95 21.03
C ARG A 24 -30.71 19.58 20.77
N ALA A 25 -31.50 19.63 21.83
CA ALA A 25 -32.94 19.41 21.74
C ALA A 25 -33.66 20.75 21.55
N SER A 26 -34.82 20.71 20.91
CA SER A 26 -35.58 21.92 20.64
C SER A 26 -36.31 22.44 21.89
N GLN A 27 -36.37 21.62 22.93
CA GLN A 27 -36.88 22.06 24.23
C GLN A 27 -36.16 21.27 25.32
N ASP A 28 -36.33 21.70 26.57
CA ASP A 28 -35.70 21.03 27.71
C ASP A 28 -36.15 19.58 27.79
N ILE A 29 -35.22 18.62 27.76
CA ILE A 29 -35.60 17.22 27.84
C ILE A 29 -35.22 16.54 29.16
N SER A 30 -34.80 17.34 30.14
N SER A 30 -34.81 17.35 30.13
CA SER A 30 -34.63 16.86 31.51
CA SER A 30 -34.59 16.89 31.50
C SER A 30 -33.80 15.58 31.61
C SER A 30 -33.81 15.58 31.59
N ASN A 31 -32.70 15.55 30.87
CA ASN A 31 -31.74 14.44 30.93
C ASN A 31 -32.17 13.10 30.30
N TYR A 32 -33.35 13.04 29.70
CA TYR A 32 -33.76 11.84 28.98
C TYR A 32 -33.20 11.84 27.58
N LEU A 33 -31.90 11.56 27.50
CA LEU A 33 -31.14 11.66 26.27
C LEU A 33 -30.28 10.41 26.14
N ASN A 34 -30.44 9.69 25.02
CA ASN A 34 -29.73 8.43 24.78
C ASN A 34 -28.80 8.55 23.57
N TRP A 35 -27.76 7.73 23.54
CA TRP A 35 -26.79 7.74 22.43
C TRP A 35 -26.66 6.34 21.84
N TYR A 36 -26.62 6.26 20.50
CA TYR A 36 -26.45 5.00 19.77
C TYR A 36 -25.24 5.11 18.84
N GLN A 37 -24.66 3.96 18.56
CA GLN A 37 -23.55 3.85 17.59
C GLN A 37 -23.99 2.93 16.48
N GLN A 38 -23.90 3.38 15.23
CA GLN A 38 -24.14 2.50 14.09
C GLN A 38 -22.85 2.30 13.31
N LYS A 39 -22.39 1.06 13.24
CA LYS A 39 -21.17 0.76 12.52
C LYS A 39 -21.42 0.83 11.01
N PRO A 40 -20.34 0.93 10.21
CA PRO A 40 -20.53 0.96 8.75
C PRO A 40 -21.37 -0.18 8.20
N ASP A 41 -21.30 -1.36 8.81
CA ASP A 41 -22.07 -2.50 8.31
C ASP A 41 -23.54 -2.45 8.70
N GLY A 42 -23.92 -1.41 9.44
CA GLY A 42 -25.31 -1.17 9.80
C GLY A 42 -25.68 -1.57 11.21
N THR A 43 -24.79 -2.28 11.89
N THR A 43 -24.81 -2.29 11.90
CA THR A 43 -25.05 -2.72 13.27
CA THR A 43 -25.14 -2.76 13.24
C THR A 43 -25.30 -1.52 14.20
C THR A 43 -25.26 -1.62 14.26
N VAL A 44 -26.39 -1.56 14.95
CA VAL A 44 -26.69 -0.50 15.92
C VAL A 44 -26.56 -1.03 17.33
N LYS A 45 -25.94 -0.23 18.20
CA LYS A 45 -25.87 -0.54 19.63
C LYS A 45 -26.24 0.68 20.45
N LEU A 46 -26.94 0.45 21.57
CA LEU A 46 -27.09 1.47 22.60
C LEU A 46 -25.75 1.67 23.31
N LEU A 47 -25.33 2.93 23.44
CA LEU A 47 -24.12 3.25 24.23
C LEU A 47 -24.48 3.77 25.62
N ILE A 48 -25.35 4.78 25.65
CA ILE A 48 -25.60 5.55 26.86
C ILE A 48 -27.09 5.89 26.93
N TYR A 49 -27.66 5.81 28.12
CA TYR A 49 -29.04 6.25 28.30
C TYR A 49 -29.12 7.20 29.47
N TYR A 50 -30.20 7.98 29.50
N TYR A 50 -30.20 7.97 29.52
CA TYR A 50 -30.42 8.97 30.57
CA TYR A 50 -30.44 8.92 30.61
C TYR A 50 -29.17 9.82 30.80
C TYR A 50 -29.21 9.85 30.80
N THR A 51 -28.69 10.38 29.69
CA THR A 51 -27.55 11.31 29.64
C THR A 51 -26.18 10.65 29.83
N SER A 52 -26.04 9.86 30.88
CA SER A 52 -24.71 9.46 31.32
C SER A 52 -24.55 7.99 31.70
N ARG A 53 -25.63 7.22 31.71
N ARG A 53 -25.63 7.23 31.67
CA ARG A 53 -25.53 5.83 32.16
CA ARG A 53 -25.59 5.81 32.08
C ARG A 53 -25.10 4.91 31.01
C ARG A 53 -25.06 4.94 30.96
N LEU A 54 -24.01 4.18 31.18
N LEU A 54 -24.11 4.06 31.27
CA LEU A 54 -23.55 3.29 30.11
CA LEU A 54 -23.54 3.19 30.26
C LEU A 54 -24.36 2.01 30.08
C LEU A 54 -24.35 1.91 30.10
N HIS A 55 -24.70 1.58 28.87
CA HIS A 55 -25.37 0.30 28.65
C HIS A 55 -24.36 -0.85 28.89
N SER A 56 -24.85 -1.98 29.34
CA SER A 56 -24.02 -3.16 29.58
C SER A 56 -23.10 -3.48 28.41
N GLY A 57 -21.82 -3.69 28.70
CA GLY A 57 -20.87 -4.12 27.68
C GLY A 57 -20.19 -3.03 26.87
N VAL A 58 -20.66 -1.80 27.00
CA VAL A 58 -20.10 -0.69 26.22
C VAL A 58 -18.69 -0.38 26.71
N THR A 59 -17.81 -0.02 25.78
CA THR A 59 -16.45 0.36 26.15
C THR A 59 -16.43 1.48 27.17
N SER A 60 -15.51 1.35 28.11
CA SER A 60 -15.33 2.33 29.17
C SER A 60 -14.81 3.66 28.64
N ARG A 61 -14.47 3.72 27.35
CA ARG A 61 -13.99 4.95 26.77
C ARG A 61 -15.10 5.96 26.47
N PHE A 62 -16.35 5.53 26.52
N PHE A 62 -16.36 5.52 26.51
CA PHE A 62 -17.46 6.44 26.22
CA PHE A 62 -17.49 6.41 26.27
C PHE A 62 -18.11 6.95 27.52
C PHE A 62 -18.02 6.98 27.58
N SER A 63 -18.42 8.25 27.54
CA SER A 63 -19.12 8.85 28.67
C SER A 63 -20.07 9.90 28.14
N GLY A 64 -21.01 10.34 28.97
CA GLY A 64 -22.02 11.29 28.54
C GLY A 64 -22.26 12.35 29.59
N SER A 65 -22.64 13.53 29.13
CA SER A 65 -22.94 14.65 30.00
C SER A 65 -23.97 15.55 29.35
N GLY A 66 -24.50 16.50 30.12
CA GLY A 66 -25.42 17.48 29.59
C GLY A 66 -26.58 17.73 30.50
N SER A 67 -27.40 18.71 30.13
CA SER A 67 -28.63 19.05 30.85
C SER A 67 -29.43 20.03 30.01
N GLY A 68 -30.70 20.21 30.36
CA GLY A 68 -31.53 21.14 29.62
C GLY A 68 -31.70 20.69 28.18
N THR A 69 -31.20 21.51 27.25
CA THR A 69 -31.28 21.18 25.83
C THR A 69 -30.01 20.60 25.25
N ASP A 70 -28.89 20.70 25.97
CA ASP A 70 -27.57 20.46 25.37
C ASP A 70 -26.88 19.25 25.98
N TYR A 71 -26.47 18.32 25.11
CA TYR A 71 -25.89 17.05 25.56
C TYR A 71 -24.64 16.68 24.77
N SER A 72 -23.75 15.91 25.38
CA SER A 72 -22.50 15.52 24.74
C SER A 72 -22.16 14.07 25.04
N LEU A 73 -21.67 13.37 24.01
CA LEU A 73 -21.04 12.06 24.13
C LEU A 73 -19.54 12.28 23.97
N THR A 74 -18.76 11.80 24.92
CA THR A 74 -17.31 11.96 24.87
C THR A 74 -16.61 10.61 24.71
N ILE A 75 -15.71 10.54 23.74
CA ILE A 75 -14.81 9.40 23.58
C ILE A 75 -13.46 9.83 24.15
N SER A 76 -13.01 9.15 25.20
CA SER A 76 -11.80 9.61 25.91
C SER A 76 -10.54 9.58 25.05
N ASN A 77 -10.40 8.53 24.26
CA ASN A 77 -9.24 8.33 23.43
C ASN A 77 -9.69 7.49 22.26
N LEU A 78 -9.67 8.10 21.09
CA LEU A 78 -10.25 7.48 19.91
C LEU A 78 -9.47 6.22 19.52
N GLU A 79 -10.20 5.16 19.22
N GLU A 79 -10.20 5.18 19.16
CA GLU A 79 -9.60 3.91 18.74
CA GLU A 79 -9.61 3.95 18.70
C GLU A 79 -10.16 3.55 17.38
C GLU A 79 -10.19 3.53 17.37
N GLN A 80 -9.47 2.63 16.71
CA GLN A 80 -9.83 2.19 15.37
C GLN A 80 -11.29 1.75 15.24
N GLU A 81 -11.77 1.03 16.25
CA GLU A 81 -13.12 0.47 16.21
C GLU A 81 -14.22 1.52 16.35
N ASP A 82 -13.85 2.80 16.51
CA ASP A 82 -14.84 3.86 16.72
C ASP A 82 -15.40 4.46 15.42
N ILE A 83 -14.90 4.03 14.27
CA ILE A 83 -15.48 4.43 12.99
C ILE A 83 -16.96 4.01 12.97
N ALA A 84 -17.85 4.99 12.89
CA ALA A 84 -19.28 4.75 13.07
C ALA A 84 -20.01 6.07 12.98
N THR A 85 -21.34 5.99 12.93
CA THR A 85 -22.19 7.16 13.07
C THR A 85 -22.87 7.12 14.43
N TYR A 86 -22.84 8.25 15.14
CA TYR A 86 -23.36 8.35 16.51
C TYR A 86 -24.63 9.18 16.49
N PHE A 87 -25.72 8.64 17.04
CA PHE A 87 -27.03 9.31 17.02
C PHE A 87 -27.50 9.58 18.45
N CYS A 88 -28.02 10.77 18.69
CA CYS A 88 -28.72 11.02 19.95
C CYS A 88 -30.23 10.78 19.77
N GLN A 89 -30.92 10.65 20.89
CA GLN A 89 -32.35 10.37 20.86
C GLN A 89 -32.96 10.81 22.18
N GLN A 90 -34.03 11.61 22.11
CA GLN A 90 -34.70 12.03 23.34
C GLN A 90 -35.79 11.04 23.74
N GLY A 91 -35.84 10.76 25.04
CA GLY A 91 -36.85 9.90 25.63
C GLY A 91 -37.71 10.64 26.65
N ASN A 92 -37.94 11.92 26.40
CA ASN A 92 -38.69 12.76 27.32
C ASN A 92 -40.18 12.79 26.99
N THR A 93 -40.52 13.05 25.73
CA THR A 93 -41.93 13.15 25.33
C THR A 93 -42.14 12.45 23.99
N LEU A 94 -43.19 11.66 23.89
CA LEU A 94 -43.52 10.98 22.65
C LEU A 94 -43.88 11.99 21.56
N PRO A 95 -43.63 11.65 20.28
CA PRO A 95 -42.92 10.45 19.82
C PRO A 95 -41.43 10.56 20.10
N TRP A 96 -40.80 9.44 20.43
CA TRP A 96 -39.36 9.47 20.61
C TRP A 96 -38.72 9.88 19.29
N THR A 97 -37.71 10.75 19.36
CA THR A 97 -37.09 11.32 18.15
C THR A 97 -35.57 11.27 18.24
N PHE A 98 -34.96 11.09 17.07
CA PHE A 98 -33.51 10.92 16.92
C PHE A 98 -32.88 12.14 16.26
N GLY A 99 -31.64 12.43 16.64
CA GLY A 99 -30.77 13.34 15.89
C GLY A 99 -30.38 12.71 14.56
N GLY A 100 -29.82 13.53 13.67
CA GLY A 100 -29.48 13.07 12.33
C GLY A 100 -28.15 12.34 12.21
N GLY A 101 -27.40 12.24 13.31
CA GLY A 101 -26.15 11.49 13.31
C GLY A 101 -24.91 12.34 13.11
N THR A 102 -23.83 11.89 13.72
CA THR A 102 -22.50 12.44 13.48
C THR A 102 -21.58 11.29 13.13
N LYS A 103 -21.02 11.34 11.92
CA LYS A 103 -20.10 10.29 11.49
C LYS A 103 -18.70 10.63 11.98
N VAL A 104 -18.02 9.64 12.55
CA VAL A 104 -16.64 9.85 12.97
C VAL A 104 -15.71 9.16 11.99
N GLU A 105 -14.76 9.94 11.48
CA GLU A 105 -13.68 9.48 10.60
C GLU A 105 -12.37 9.52 11.37
N ILE A 106 -11.55 8.50 11.19
CA ILE A 106 -10.23 8.50 11.78
C ILE A 106 -9.21 9.01 10.78
N LYS A 107 -8.42 10.00 11.20
CA LYS A 107 -7.35 10.50 10.37
C LYS A 107 -6.24 9.45 10.26
N ARG A 108 -5.68 9.36 9.08
CA ARG A 108 -4.49 8.54 8.88
C ARG A 108 -3.63 9.29 7.88
N ALA A 109 -2.42 8.79 7.63
CA ALA A 109 -1.57 9.40 6.63
C ALA A 109 -2.16 9.23 5.23
N ASP A 110 -1.78 10.12 4.32
CA ASP A 110 -2.30 10.03 2.96
C ASP A 110 -2.01 8.66 2.33
N ALA A 111 -2.92 8.21 1.48
CA ALA A 111 -2.77 6.97 0.73
C ALA A 111 -3.31 7.17 -0.67
N ALA A 112 -2.51 6.80 -1.66
CA ALA A 112 -2.89 6.99 -3.05
C ALA A 112 -3.82 5.87 -3.52
N PRO A 113 -4.80 6.24 -4.34
CA PRO A 113 -5.68 5.18 -4.86
C PRO A 113 -4.92 4.24 -5.80
N THR A 114 -5.18 2.94 -5.66
CA THR A 114 -4.74 1.97 -6.65
C THR A 114 -5.87 1.87 -7.66
N VAL A 115 -5.59 2.25 -8.90
CA VAL A 115 -6.59 2.34 -9.95
C VAL A 115 -6.51 1.14 -10.88
N SER A 116 -7.66 0.55 -11.19
CA SER A 116 -7.76 -0.61 -12.05
C SER A 116 -8.89 -0.39 -13.04
N ILE A 117 -8.65 -0.63 -14.33
CA ILE A 117 -9.70 -0.48 -15.32
C ILE A 117 -10.00 -1.82 -15.99
N PHE A 118 -11.29 -2.05 -16.30
CA PHE A 118 -11.74 -3.31 -16.88
C PHE A 118 -12.64 -3.08 -18.09
N PRO A 119 -12.26 -3.65 -19.24
CA PRO A 119 -13.14 -3.58 -20.40
C PRO A 119 -14.42 -4.38 -20.17
N PRO A 120 -15.45 -4.15 -21.00
CA PRO A 120 -16.65 -4.99 -20.89
C PRO A 120 -16.32 -6.48 -21.05
N SER A 121 -17.05 -7.34 -20.35
CA SER A 121 -16.86 -8.78 -20.50
C SER A 121 -17.41 -9.23 -21.84
N SER A 122 -16.88 -10.32 -22.37
N SER A 122 -16.87 -10.31 -22.38
CA SER A 122 -17.35 -10.86 -23.63
CA SER A 122 -17.39 -10.85 -23.63
C SER A 122 -18.83 -11.26 -23.53
C SER A 122 -18.87 -11.15 -23.49
N GLU A 123 -19.25 -11.67 -22.35
N GLU A 123 -19.24 -11.72 -22.36
CA GLU A 123 -20.64 -12.06 -22.13
CA GLU A 123 -20.63 -12.07 -22.09
C GLU A 123 -21.58 -10.86 -22.28
C GLU A 123 -21.58 -10.87 -22.25
N GLN A 124 -21.24 -9.75 -21.63
CA GLN A 124 -22.07 -8.56 -21.72
C GLN A 124 -22.13 -8.03 -23.15
N LEU A 125 -20.99 -7.99 -23.82
CA LEU A 125 -20.96 -7.48 -25.18
C LEU A 125 -21.88 -8.30 -26.07
N THR A 126 -21.85 -9.61 -25.88
CA THR A 126 -22.67 -10.50 -26.71
C THR A 126 -24.15 -10.18 -26.52
N SER A 127 -24.50 -9.72 -25.32
CA SER A 127 -25.89 -9.35 -25.03
C SER A 127 -26.24 -7.92 -25.50
N GLY A 128 -25.24 -7.18 -25.96
CA GLY A 128 -25.49 -5.86 -26.50
C GLY A 128 -25.11 -4.67 -25.63
N GLY A 129 -24.54 -4.94 -24.46
CA GLY A 129 -24.17 -3.87 -23.53
C GLY A 129 -22.68 -3.78 -23.36
N ALA A 130 -22.19 -2.65 -22.86
CA ALA A 130 -20.76 -2.45 -22.69
C ALA A 130 -20.47 -1.59 -21.47
N SER A 131 -20.25 -2.22 -20.33
CA SER A 131 -19.92 -1.48 -19.13
C SER A 131 -18.42 -1.52 -18.94
N VAL A 132 -17.82 -0.35 -18.75
CA VAL A 132 -16.40 -0.24 -18.45
C VAL A 132 -16.31 0.14 -16.97
N VAL A 133 -15.52 -0.59 -16.22
CA VAL A 133 -15.44 -0.39 -14.76
C VAL A 133 -14.06 0.08 -14.33
N CYS A 134 -14.02 0.99 -13.37
CA CYS A 134 -12.75 1.47 -12.83
C CYS A 134 -12.77 1.53 -11.29
N PHE A 135 -11.99 0.68 -10.65
CA PHE A 135 -11.89 0.65 -9.19
C PHE A 135 -10.78 1.60 -8.77
N LEU A 136 -11.03 2.37 -7.72
CA LEU A 136 -10.02 3.24 -7.14
C LEU A 136 -9.95 2.89 -5.67
N ASN A 137 -8.94 2.09 -5.32
CA ASN A 137 -8.97 1.45 -4.00
C ASN A 137 -7.96 1.96 -2.99
N ASN A 138 -8.40 1.98 -1.74
CA ASN A 138 -7.56 2.19 -0.56
C ASN A 138 -6.86 3.54 -0.51
N PHE A 139 -7.63 4.60 -0.69
CA PHE A 139 -7.09 5.96 -0.69
C PHE A 139 -7.51 6.75 0.55
N TYR A 140 -6.76 7.80 0.84
CA TYR A 140 -7.04 8.71 1.92
C TYR A 140 -6.30 10.00 1.63
N PRO A 141 -6.94 11.16 1.80
CA PRO A 141 -8.30 11.42 2.29
C PRO A 141 -9.39 11.02 1.30
N LYS A 142 -10.64 11.18 1.72
CA LYS A 142 -11.75 10.66 0.94
C LYS A 142 -12.03 11.47 -0.32
N ASP A 143 -11.54 12.70 -0.39
CA ASP A 143 -11.82 13.58 -1.52
C ASP A 143 -11.14 13.08 -2.78
N ILE A 144 -11.90 12.81 -3.83
CA ILE A 144 -11.34 12.28 -5.06
C ILE A 144 -12.30 12.63 -6.19
N ASN A 145 -11.73 12.88 -7.36
N ASN A 145 -11.75 12.90 -7.38
CA ASN A 145 -12.49 13.12 -8.57
CA ASN A 145 -12.61 13.11 -8.55
C ASN A 145 -12.16 12.05 -9.59
C ASN A 145 -12.18 12.19 -9.67
N VAL A 146 -13.15 11.61 -10.36
CA VAL A 146 -12.89 10.65 -11.41
C VAL A 146 -13.49 11.13 -12.72
N LYS A 147 -12.71 11.04 -13.78
CA LYS A 147 -13.20 11.36 -15.13
C LYS A 147 -13.05 10.15 -16.03
N TRP A 148 -14.03 9.94 -16.90
CA TRP A 148 -13.94 8.98 -17.99
C TRP A 148 -13.63 9.73 -19.27
N LYS A 149 -12.68 9.23 -20.05
CA LYS A 149 -12.42 9.79 -21.37
C LYS A 149 -12.48 8.70 -22.40
N ILE A 150 -13.14 9.01 -23.51
CA ILE A 150 -13.30 8.09 -24.61
C ILE A 150 -12.69 8.79 -25.82
N ASP A 151 -11.68 8.17 -26.41
CA ASP A 151 -10.91 8.84 -27.46
C ASP A 151 -10.53 10.26 -27.05
N GLY A 152 -10.22 10.44 -25.77
CA GLY A 152 -9.75 11.71 -25.26
C GLY A 152 -10.82 12.74 -24.89
N SER A 153 -12.09 12.43 -25.16
CA SER A 153 -13.16 13.35 -24.77
C SER A 153 -13.86 12.85 -23.51
N GLU A 154 -14.13 13.77 -22.58
CA GLU A 154 -14.81 13.37 -21.35
C GLU A 154 -16.25 12.93 -21.59
N ARG A 155 -16.67 11.89 -20.88
CA ARG A 155 -18.01 11.31 -20.99
C ARG A 155 -18.63 11.27 -19.60
N GLN A 156 -19.82 11.83 -19.46
CA GLN A 156 -20.50 11.83 -18.16
C GLN A 156 -21.82 11.04 -18.12
N ASN A 157 -22.53 10.98 -19.23
CA ASN A 157 -23.77 10.19 -19.28
C ASN A 157 -23.47 8.70 -19.14
N GLY A 158 -24.28 7.97 -18.37
CA GLY A 158 -24.07 6.53 -18.20
C GLY A 158 -23.08 6.13 -17.11
N VAL A 159 -22.69 7.08 -16.26
CA VAL A 159 -21.72 6.78 -15.21
C VAL A 159 -22.42 6.49 -13.88
N LEU A 160 -22.01 5.42 -13.21
CA LEU A 160 -22.55 5.06 -11.90
C LEU A 160 -21.38 4.95 -10.92
N ASN A 161 -21.40 5.80 -9.89
CA ASN A 161 -20.32 5.82 -8.90
C ASN A 161 -20.79 5.32 -7.54
N SER A 162 -19.92 4.61 -6.85
CA SER A 162 -20.25 4.17 -5.49
C SER A 162 -19.01 4.22 -4.63
N TRP A 163 -19.17 4.49 -3.35
CA TRP A 163 -18.06 4.64 -2.44
C TRP A 163 -18.26 3.76 -1.22
N THR A 164 -17.19 3.13 -0.76
CA THR A 164 -17.25 2.45 0.53
C THR A 164 -17.15 3.41 1.71
N ASP A 165 -17.61 2.96 2.86
CA ASP A 165 -17.34 3.67 4.10
C ASP A 165 -15.88 3.51 4.46
N GLN A 166 -15.41 4.30 5.40
CA GLN A 166 -14.02 4.18 5.82
C GLN A 166 -13.74 2.76 6.32
N ASP A 167 -12.63 2.17 5.85
CA ASP A 167 -12.30 0.79 6.17
C ASP A 167 -11.99 0.64 7.65
N SER A 168 -12.54 -0.40 8.26
CA SER A 168 -12.45 -0.58 9.70
C SER A 168 -11.05 -0.89 10.19
N LYS A 169 -10.20 -1.45 9.34
CA LYS A 169 -8.84 -1.82 9.69
C LYS A 169 -7.75 -0.86 9.25
N ASP A 170 -7.84 -0.33 8.04
CA ASP A 170 -6.76 0.52 7.54
C ASP A 170 -7.16 1.98 7.32
N SER A 171 -8.41 2.32 7.64
CA SER A 171 -8.89 3.70 7.60
C SER A 171 -8.90 4.34 6.20
N THR A 172 -8.87 3.52 5.16
CA THR A 172 -8.94 4.04 3.80
C THR A 172 -10.35 3.98 3.21
N TYR A 173 -10.51 4.65 2.08
CA TYR A 173 -11.75 4.66 1.32
C TYR A 173 -11.50 4.01 -0.03
N SER A 174 -12.57 3.51 -0.66
CA SER A 174 -12.49 2.99 -2.02
C SER A 174 -13.68 3.48 -2.82
N MET A 175 -13.54 3.43 -4.14
CA MET A 175 -14.59 3.91 -5.02
C MET A 175 -14.66 3.04 -6.25
N SER A 176 -15.87 2.87 -6.77
CA SER A 176 -16.09 2.16 -8.02
C SER A 176 -16.82 3.09 -8.97
N SER A 177 -16.38 3.14 -10.24
CA SER A 177 -17.05 3.93 -11.25
C SER A 177 -17.32 3.04 -12.45
N THR A 178 -18.58 2.99 -12.89
CA THR A 178 -18.97 2.15 -14.04
C THR A 178 -19.58 3.03 -15.11
N LEU A 179 -18.97 3.01 -16.31
CA LEU A 179 -19.48 3.73 -17.47
C LEU A 179 -20.20 2.72 -18.37
N THR A 180 -21.51 2.86 -18.51
CA THR A 180 -22.24 1.92 -19.36
C THR A 180 -22.63 2.55 -20.68
N LEU A 181 -22.22 1.87 -21.76
CA LEU A 181 -22.53 2.27 -23.14
C LEU A 181 -23.27 1.11 -23.78
N THR A 182 -23.86 1.36 -24.95
CA THR A 182 -24.31 0.26 -25.78
C THR A 182 -23.10 -0.35 -26.47
N LYS A 183 -23.25 -1.55 -27.00
CA LYS A 183 -22.18 -2.20 -27.74
C LYS A 183 -21.79 -1.32 -28.93
N ASP A 184 -22.78 -0.77 -29.63
CA ASP A 184 -22.50 0.07 -30.80
C ASP A 184 -21.67 1.28 -30.43
N GLU A 185 -22.03 1.93 -29.33
N GLU A 185 -22.02 1.94 -29.34
CA GLU A 185 -21.28 3.07 -28.84
CA GLU A 185 -21.26 3.09 -28.85
C GLU A 185 -19.84 2.68 -28.52
C GLU A 185 -19.82 2.67 -28.55
N TYR A 186 -19.69 1.58 -27.80
CA TYR A 186 -18.38 1.11 -27.35
C TYR A 186 -17.47 0.84 -28.54
N GLU A 187 -18.03 0.29 -29.60
CA GLU A 187 -17.25 -0.13 -30.75
C GLU A 187 -16.83 1.03 -31.68
N ARG A 188 -17.33 2.23 -31.41
CA ARG A 188 -16.96 3.42 -32.18
C ARG A 188 -15.67 4.07 -31.69
N HIS A 189 -15.14 3.61 -30.57
CA HIS A 189 -14.00 4.30 -29.98
C HIS A 189 -12.88 3.34 -29.68
N ASN A 190 -11.66 3.86 -29.60
CA ASN A 190 -10.53 3.00 -29.32
C ASN A 190 -10.02 3.12 -27.89
N SER A 191 -9.79 4.34 -27.41
CA SER A 191 -9.16 4.52 -26.11
C SER A 191 -10.19 4.78 -25.04
N TYR A 192 -10.07 4.03 -23.95
CA TYR A 192 -10.93 4.20 -22.78
C TYR A 192 -10.04 4.45 -21.59
N THR A 193 -10.30 5.56 -20.91
CA THR A 193 -9.47 6.00 -19.81
C THR A 193 -10.29 6.39 -18.60
N CYS A 194 -9.80 5.96 -17.43
N CYS A 194 -9.80 5.96 -17.43
CA CYS A 194 -10.33 6.40 -16.15
CA CYS A 194 -10.33 6.40 -16.15
C CYS A 194 -9.23 7.18 -15.43
C CYS A 194 -9.23 7.18 -15.43
N GLU A 195 -9.51 8.42 -15.08
CA GLU A 195 -8.49 9.33 -14.54
C GLU A 195 -8.93 9.85 -13.18
N ALA A 196 -8.08 9.65 -12.17
CA ALA A 196 -8.40 10.14 -10.84
C ALA A 196 -7.57 11.35 -10.45
N THR A 197 -8.20 12.30 -9.79
CA THR A 197 -7.48 13.42 -9.23
C THR A 197 -7.59 13.27 -7.71
N HIS A 198 -6.42 13.24 -7.06
CA HIS A 198 -6.33 13.00 -5.62
C HIS A 198 -5.12 13.75 -5.11
N LYS A 199 -5.14 14.14 -3.84
CA LYS A 199 -4.05 14.98 -3.34
C LYS A 199 -2.67 14.30 -3.39
N THR A 200 -2.67 12.96 -3.45
CA THR A 200 -1.41 12.22 -3.46
C THR A 200 -0.67 12.28 -4.79
N SER A 201 -1.24 12.93 -5.81
CA SER A 201 -0.49 13.12 -7.05
C SER A 201 -0.74 14.49 -7.66
N THR A 202 0.30 15.15 -8.14
CA THR A 202 0.10 16.44 -8.78
C THR A 202 -0.48 16.31 -10.19
N SER A 203 -0.42 15.09 -10.73
N SER A 203 -0.42 15.09 -10.74
CA SER A 203 -1.00 14.79 -12.04
CA SER A 203 -1.00 14.81 -12.04
C SER A 203 -2.12 13.78 -11.87
C SER A 203 -2.10 13.76 -11.90
N PRO A 204 -3.01 13.70 -12.88
CA PRO A 204 -4.07 12.69 -12.78
C PRO A 204 -3.47 11.29 -12.72
N ILE A 205 -4.11 10.43 -11.94
CA ILE A 205 -3.71 9.04 -11.83
C ILE A 205 -4.59 8.28 -12.83
N VAL A 206 -3.96 7.73 -13.87
CA VAL A 206 -4.67 7.25 -15.05
C VAL A 206 -4.50 5.74 -15.28
N LYS A 207 -5.58 5.08 -15.66
CA LYS A 207 -5.50 3.73 -16.22
C LYS A 207 -6.30 3.75 -17.51
N SER A 208 -5.78 3.04 -18.51
N SER A 208 -5.80 3.04 -18.52
CA SER A 208 -6.37 3.04 -19.82
CA SER A 208 -6.39 3.10 -19.84
C SER A 208 -6.30 1.67 -20.48
C SER A 208 -6.17 1.82 -20.63
N PHE A 209 -7.10 1.50 -21.51
CA PHE A 209 -6.89 0.42 -22.45
C PHE A 209 -7.33 0.86 -23.84
N ASN A 210 -6.74 0.23 -24.84
CA ASN A 210 -7.15 0.47 -26.21
C ASN A 210 -7.79 -0.79 -26.72
N ARG A 211 -8.96 -0.65 -27.31
CA ARG A 211 -9.64 -1.80 -27.89
C ARG A 211 -8.82 -2.53 -28.94
N ASN A 212 -8.00 -1.81 -29.71
CA ASN A 212 -7.25 -2.45 -30.79
C ASN A 212 -5.98 -3.15 -30.31
N GLU A 213 -5.81 -3.25 -29.00
CA GLU A 213 -4.71 -4.00 -28.43
C GLU A 213 -5.17 -4.82 -27.24
N GLU B 1 -26.00 -13.93 23.94
CA GLU B 1 -26.77 -13.52 25.11
C GLU B 1 -28.14 -13.07 24.60
N VAL B 2 -28.46 -11.85 24.89
CA VAL B 2 -29.69 -11.26 24.37
C VAL B 2 -29.57 -11.16 22.86
N MET B 3 -30.57 -11.67 22.15
N MET B 3 -30.57 -11.68 22.14
CA MET B 3 -30.60 -11.65 20.69
CA MET B 3 -30.59 -11.57 20.69
C MET B 3 -31.99 -11.37 20.15
C MET B 3 -31.99 -11.33 20.17
N LEU B 4 -32.08 -10.49 19.15
CA LEU B 4 -33.33 -10.21 18.45
C LEU B 4 -33.03 -10.40 16.99
N VAL B 5 -33.92 -11.06 16.27
CA VAL B 5 -33.74 -11.29 14.83
C VAL B 5 -35.00 -10.93 14.05
N GLU B 6 -34.92 -9.90 13.21
CA GLU B 6 -36.06 -9.49 12.39
C GLU B 6 -36.16 -10.30 11.11
N SER B 7 -37.38 -10.48 10.64
CA SER B 7 -37.61 -11.11 9.36
C SER B 7 -38.87 -10.56 8.72
N GLY B 8 -39.01 -10.80 7.43
CA GLY B 8 -40.22 -10.47 6.70
C GLY B 8 -40.13 -9.27 5.79
N GLY B 9 -39.00 -8.56 5.80
CA GLY B 9 -38.86 -7.40 4.95
C GLY B 9 -38.60 -7.84 3.52
N VAL B 10 -39.43 -7.36 2.61
CA VAL B 10 -39.35 -7.73 1.19
C VAL B 10 -39.94 -6.57 0.40
N LEU B 11 -39.94 -6.70 -0.92
CA LEU B 11 -40.61 -5.73 -1.79
C LEU B 11 -42.14 -5.88 -1.66
N VAL B 12 -42.83 -4.75 -1.54
CA VAL B 12 -44.29 -4.74 -1.47
C VAL B 12 -44.76 -3.55 -2.30
N LYS B 13 -45.90 -3.71 -2.98
CA LYS B 13 -46.40 -2.63 -3.83
C LYS B 13 -47.09 -1.58 -2.97
N PRO B 14 -47.06 -0.32 -3.43
CA PRO B 14 -47.81 0.73 -2.72
C PRO B 14 -49.27 0.32 -2.50
N GLY B 15 -49.77 0.60 -1.31
CA GLY B 15 -51.11 0.21 -0.90
C GLY B 15 -51.17 -1.18 -0.28
N GLY B 16 -50.07 -1.91 -0.36
CA GLY B 16 -50.05 -3.28 0.12
C GLY B 16 -49.85 -3.41 1.64
N SER B 17 -49.81 -4.66 2.08
CA SER B 17 -49.62 -5.00 3.48
C SER B 17 -48.44 -5.94 3.64
N LEU B 18 -47.86 -5.97 4.83
CA LEU B 18 -46.73 -6.82 5.10
C LEU B 18 -46.62 -7.02 6.59
N LYS B 19 -46.32 -8.24 7.01
CA LYS B 19 -46.15 -8.53 8.44
C LYS B 19 -44.69 -8.85 8.75
N LEU B 20 -44.07 -8.05 9.61
CA LEU B 20 -42.70 -8.32 10.07
C LEU B 20 -42.72 -9.10 11.37
N SER B 21 -41.68 -9.90 11.57
N SER B 21 -41.67 -9.87 11.59
CA SER B 21 -41.50 -10.65 12.81
CA SER B 21 -41.51 -10.67 12.79
C SER B 21 -40.17 -10.31 13.44
C SER B 21 -40.15 -10.46 13.41
N CYS B 22 -40.06 -10.57 14.73
CA CYS B 22 -38.82 -10.36 15.48
C CYS B 22 -38.75 -11.46 16.54
N ALA B 23 -37.79 -12.37 16.39
CA ALA B 23 -37.63 -13.50 17.31
C ALA B 23 -36.69 -13.11 18.42
N ALA B 24 -37.14 -13.26 19.66
CA ALA B 24 -36.33 -12.87 20.83
C ALA B 24 -35.78 -14.10 21.52
N SER B 25 -34.54 -14.01 22.00
CA SER B 25 -33.99 -15.07 22.84
C SER B 25 -32.96 -14.51 23.80
N GLY B 26 -32.65 -15.29 24.83
CA GLY B 26 -31.61 -14.92 25.78
C GLY B 26 -32.04 -13.97 26.89
N PHE B 27 -33.35 -13.77 27.04
CA PHE B 27 -33.89 -12.97 28.14
C PHE B 27 -35.35 -13.33 28.33
N THR B 28 -35.92 -12.91 29.46
CA THR B 28 -37.35 -13.15 29.70
C THR B 28 -38.14 -12.10 28.94
N PHE B 29 -38.59 -12.48 27.76
CA PHE B 29 -39.24 -11.58 26.81
C PHE B 29 -40.38 -10.77 27.44
N SER B 30 -41.24 -11.45 28.17
CA SER B 30 -42.43 -10.84 28.74
C SER B 30 -42.14 -9.85 29.88
N ARG B 31 -40.91 -9.67 30.28
CA ARG B 31 -40.58 -8.68 31.24
C ARG B 31 -40.29 -7.32 30.66
N TYR B 32 -40.24 -7.22 29.31
CA TYR B 32 -39.81 -5.98 28.67
C TYR B 32 -40.80 -5.46 27.65
N ALA B 33 -41.01 -4.14 27.65
CA ALA B 33 -41.62 -3.48 26.52
C ALA B 33 -40.70 -3.65 25.31
N MET B 34 -41.29 -3.67 24.13
CA MET B 34 -40.54 -3.90 22.88
C MET B 34 -40.94 -2.88 21.85
N SER B 35 -40.00 -2.51 20.98
CA SER B 35 -40.24 -1.43 20.02
C SER B 35 -39.76 -1.80 18.62
N TRP B 36 -40.35 -1.13 17.64
CA TRP B 36 -39.82 -1.10 16.27
C TRP B 36 -39.29 0.28 15.97
N VAL B 37 -38.15 0.33 15.26
CA VAL B 37 -37.54 1.58 14.82
C VAL B 37 -37.14 1.36 13.36
N ARG B 38 -37.28 2.37 12.52
CA ARG B 38 -36.93 2.19 11.12
C ARG B 38 -35.89 3.24 10.68
N GLN B 39 -35.11 2.90 9.65
CA GLN B 39 -34.09 3.81 9.15
C GLN B 39 -34.26 3.95 7.64
N THR B 40 -34.41 5.19 7.19
CA THR B 40 -34.59 5.44 5.76
C THR B 40 -33.31 5.19 5.00
N PRO B 41 -33.37 5.01 3.68
CA PRO B 41 -32.16 4.71 2.90
C PRO B 41 -31.07 5.75 3.18
N GLU B 42 -31.55 6.97 3.36
CA GLU B 42 -30.76 8.17 3.67
C GLU B 42 -30.27 8.18 5.14
N LYS B 43 -30.56 7.17 5.88
CA LYS B 43 -29.97 6.95 7.18
C LYS B 43 -30.60 7.69 8.40
N ARG B 44 -31.79 8.26 8.23
CA ARG B 44 -32.54 8.86 9.34
C ARG B 44 -33.32 7.77 10.08
N LEU B 45 -33.24 7.85 11.42
CA LEU B 45 -33.94 6.92 12.30
C LEU B 45 -35.27 7.48 12.77
N GLU B 46 -36.27 6.62 12.80
CA GLU B 46 -37.61 7.01 13.24
C GLU B 46 -38.24 5.89 14.09
N TRP B 47 -38.66 6.23 15.32
CA TRP B 47 -39.40 5.29 16.15
C TRP B 47 -40.77 5.03 15.50
N VAL B 48 -41.15 3.75 15.46
CA VAL B 48 -42.34 3.29 14.74
C VAL B 48 -43.47 2.80 15.66
N ALA B 49 -43.14 2.11 16.74
CA ALA B 49 -44.16 1.54 17.63
C ALA B 49 -43.55 0.98 18.89
N THR B 50 -44.31 0.96 19.99
CA THR B 50 -43.92 0.25 21.20
C THR B 50 -45.10 -0.51 21.75
N ILE B 51 -44.82 -1.67 22.30
CA ILE B 51 -45.86 -2.46 22.99
C ILE B 51 -45.36 -2.78 24.40
N SER B 52 -46.25 -2.67 25.38
CA SER B 52 -45.87 -2.96 26.75
C SER B 52 -45.53 -4.43 26.97
N SER B 53 -44.85 -4.71 28.07
CA SER B 53 -44.39 -6.07 28.37
C SER B 53 -45.50 -7.11 28.30
N GLY B 54 -46.68 -6.79 28.87
CA GLY B 54 -47.78 -7.75 28.89
C GLY B 54 -48.70 -7.61 27.71
N GLY B 55 -48.38 -6.74 26.75
CA GLY B 55 -49.14 -6.63 25.52
C GLY B 55 -50.32 -5.67 25.52
N SER B 56 -50.66 -5.14 26.67
CA SER B 56 -51.92 -4.40 26.81
C SER B 56 -51.89 -2.96 26.29
N TYR B 57 -50.73 -2.37 26.22
CA TYR B 57 -50.63 -0.96 25.86
C TYR B 57 -49.70 -0.80 24.68
N SER B 58 -50.14 -0.05 23.68
N SER B 58 -50.15 -0.08 23.67
CA SER B 58 -49.35 0.18 22.48
CA SER B 58 -49.32 0.20 22.51
C SER B 58 -49.38 1.64 22.10
C SER B 58 -49.32 1.69 22.22
N TYR B 59 -48.28 2.13 21.51
CA TYR B 59 -48.11 3.54 21.21
C TYR B 59 -47.50 3.65 19.82
N TYR B 60 -47.96 4.63 19.05
CA TYR B 60 -47.50 4.86 17.68
C TYR B 60 -47.38 6.34 17.41
N PRO B 61 -46.42 6.74 16.56
CA PRO B 61 -46.37 8.12 16.08
C PRO B 61 -47.44 8.32 14.99
N ASP B 62 -47.85 9.56 14.79
CA ASP B 62 -48.86 9.86 13.77
C ASP B 62 -48.48 9.35 12.38
N SER B 63 -47.18 9.27 12.09
CA SER B 63 -46.76 8.86 10.76
C SER B 63 -47.25 7.46 10.37
N VAL B 64 -47.48 6.60 11.35
CA VAL B 64 -47.92 5.23 11.07
C VAL B 64 -49.22 4.82 11.80
N LYS B 65 -49.66 5.63 12.75
CA LYS B 65 -50.87 5.28 13.51
C LYS B 65 -52.05 5.08 12.57
N GLY B 66 -52.83 4.02 12.82
CA GLY B 66 -53.96 3.70 11.96
C GLY B 66 -53.60 2.77 10.81
N ARG B 67 -52.31 2.63 10.52
CA ARG B 67 -51.86 1.76 9.44
C ARG B 67 -51.02 0.59 9.93
N PHE B 68 -50.29 0.80 11.02
CA PHE B 68 -49.41 -0.24 11.54
C PHE B 68 -49.94 -0.73 12.87
N THR B 69 -49.76 -2.01 13.14
CA THR B 69 -50.18 -2.60 14.42
C THR B 69 -49.05 -3.44 14.98
N ILE B 70 -48.62 -3.13 16.20
CA ILE B 70 -47.60 -3.93 16.89
C ILE B 70 -48.29 -4.96 17.76
N SER B 71 -47.76 -6.18 17.82
CA SER B 71 -48.32 -7.21 18.69
C SER B 71 -47.22 -8.11 19.19
N ARG B 72 -47.50 -8.95 20.17
CA ARG B 72 -46.47 -9.86 20.68
C ARG B 72 -47.08 -11.16 21.13
N ASP B 73 -46.27 -12.21 21.15
CA ASP B 73 -46.62 -13.53 21.62
C ASP B 73 -45.63 -13.88 22.73
N ASN B 74 -46.11 -13.94 23.96
CA ASN B 74 -45.26 -14.13 25.13
C ASN B 74 -45.06 -15.59 25.49
N VAL B 75 -45.44 -16.49 24.58
CA VAL B 75 -45.09 -17.89 24.70
C VAL B 75 -44.03 -18.22 23.63
N LYS B 76 -44.29 -17.83 22.39
CA LYS B 76 -43.33 -18.03 21.31
C LYS B 76 -42.22 -16.97 21.32
N ASN B 77 -42.34 -15.98 22.21
CA ASN B 77 -41.35 -14.93 22.38
C ASN B 77 -41.01 -14.25 21.08
N THR B 78 -42.07 -13.76 20.43
N THR B 78 -42.06 -13.74 20.45
CA THR B 78 -41.95 -13.09 19.15
CA THR B 78 -41.94 -13.06 19.17
C THR B 78 -42.74 -11.79 19.12
C THR B 78 -42.70 -11.74 19.22
N LEU B 79 -42.17 -10.77 18.48
CA LEU B 79 -42.79 -9.48 18.28
C LEU B 79 -43.19 -9.37 16.82
N TYR B 80 -44.28 -8.70 16.53
CA TYR B 80 -44.75 -8.53 15.15
C TYR B 80 -45.04 -7.07 14.84
N LEU B 81 -44.97 -6.72 13.56
CA LEU B 81 -45.45 -5.44 13.09
C LEU B 81 -46.29 -5.72 11.84
N GLN B 82 -47.59 -5.52 11.95
CA GLN B 82 -48.47 -5.67 10.78
C GLN B 82 -48.61 -4.30 10.14
N MET B 83 -48.16 -4.17 8.90
CA MET B 83 -48.25 -2.91 8.17
C MET B 83 -49.32 -3.03 7.11
N SER B 84 -50.02 -1.93 6.86
CA SER B 84 -51.05 -1.90 5.82
C SER B 84 -51.01 -0.54 5.18
N SER B 85 -51.67 -0.43 4.03
CA SER B 85 -51.72 0.85 3.33
C SER B 85 -50.32 1.45 3.16
N LEU B 86 -49.38 0.61 2.76
CA LEU B 86 -47.98 1.04 2.67
C LEU B 86 -47.75 2.10 1.60
N ARG B 87 -46.82 3.00 1.89
CA ARG B 87 -46.47 4.09 1.00
C ARG B 87 -44.97 4.02 0.68
N SER B 88 -44.53 4.60 -0.43
CA SER B 88 -43.12 4.50 -0.79
C SER B 88 -42.24 5.05 0.33
N GLU B 89 -42.72 6.07 1.04
CA GLU B 89 -41.94 6.67 2.13
C GLU B 89 -41.83 5.78 3.38
N ASP B 90 -42.53 4.65 3.38
CA ASP B 90 -42.34 3.64 4.43
C ASP B 90 -41.14 2.74 4.14
N THR B 91 -40.50 2.93 2.98
CA THR B 91 -39.30 2.17 2.62
C THR B 91 -38.18 2.45 3.64
N ALA B 92 -37.62 1.40 4.22
CA ALA B 92 -36.68 1.56 5.33
C ALA B 92 -36.17 0.21 5.77
N MET B 93 -35.06 0.21 6.50
CA MET B 93 -34.66 -0.95 7.29
C MET B 93 -35.43 -0.89 8.60
N TYR B 94 -36.10 -1.99 8.94
CA TYR B 94 -36.90 -2.08 10.17
C TYR B 94 -36.18 -2.90 11.22
N TYR B 95 -36.00 -2.31 12.39
CA TYR B 95 -35.30 -2.93 13.50
C TYR B 95 -36.25 -3.14 14.66
N CYS B 96 -36.04 -4.25 15.37
N CYS B 96 -36.04 -4.25 15.37
CA CYS B 96 -36.71 -4.50 16.64
CA CYS B 96 -36.71 -4.50 16.64
C CYS B 96 -35.71 -4.32 17.78
C CYS B 96 -35.71 -4.32 17.78
N ALA B 97 -36.16 -3.74 18.88
CA ALA B 97 -35.30 -3.45 20.02
C ALA B 97 -36.09 -3.64 21.32
N ARG B 98 -35.36 -3.89 22.40
CA ARG B 98 -35.95 -4.05 23.72
C ARG B 98 -35.89 -2.70 24.43
N ASP B 99 -36.93 -2.32 25.18
CA ASP B 99 -36.89 -1.06 25.91
C ASP B 99 -36.19 -1.25 27.26
N SER B 100 -34.97 -0.72 27.35
CA SER B 100 -34.17 -0.84 28.57
C SER B 100 -33.33 0.41 28.73
N GLY B 101 -33.94 1.49 29.22
CA GLY B 101 -33.24 2.74 29.35
C GLY B 101 -33.27 3.47 28.03
N GLY B 102 -32.60 2.89 27.03
CA GLY B 102 -32.85 3.26 25.65
C GLY B 102 -33.35 2.03 24.90
N PHE B 103 -33.35 2.12 23.57
CA PHE B 103 -33.61 0.95 22.75
C PHE B 103 -32.36 0.06 22.77
N ALA B 104 -32.47 -1.16 23.25
CA ALA B 104 -31.28 -2.00 23.45
C ALA B 104 -31.35 -3.29 22.66
N TYR B 105 -30.19 -3.78 22.25
CA TYR B 105 -30.06 -5.09 21.63
C TYR B 105 -30.78 -5.19 20.28
N TRP B 106 -30.66 -4.13 19.50
CA TRP B 106 -31.26 -4.09 18.20
C TRP B 106 -30.87 -5.32 17.40
N GLY B 107 -31.80 -5.82 16.59
CA GLY B 107 -31.47 -6.86 15.63
C GLY B 107 -30.70 -6.29 14.44
N GLN B 108 -30.40 -7.16 13.49
CA GLN B 108 -29.66 -6.79 12.28
C GLN B 108 -30.53 -5.97 11.31
N GLY B 109 -31.85 -6.06 11.48
CA GLY B 109 -32.76 -5.34 10.62
C GLY B 109 -33.31 -6.16 9.46
N THR B 110 -34.47 -5.76 8.98
CA THR B 110 -35.03 -6.36 7.80
C THR B 110 -35.51 -5.26 6.85
N LEU B 111 -35.20 -5.40 5.56
CA LEU B 111 -35.42 -4.30 4.62
C LEU B 111 -36.79 -4.37 3.96
N VAL B 112 -37.56 -3.29 4.11
CA VAL B 112 -38.86 -3.18 3.45
C VAL B 112 -38.74 -2.16 2.33
N THR B 113 -39.02 -2.61 1.11
CA THR B 113 -39.00 -1.73 -0.05
C THR B 113 -40.42 -1.61 -0.56
N VAL B 114 -40.98 -0.40 -0.53
CA VAL B 114 -42.33 -0.17 -1.04
C VAL B 114 -42.19 0.51 -2.38
N SER B 115 -42.47 -0.22 -3.44
CA SER B 115 -42.21 0.29 -4.78
C SER B 115 -43.09 -0.44 -5.79
N ALA B 116 -43.42 0.26 -6.87
CA ALA B 116 -44.15 -0.33 -7.98
C ALA B 116 -43.20 -1.01 -8.97
N ALA B 117 -41.90 -0.90 -8.75
CA ALA B 117 -40.93 -1.47 -9.70
C ALA B 117 -40.86 -2.99 -9.62
N LYS B 118 -40.49 -3.62 -10.73
CA LYS B 118 -40.54 -5.07 -10.88
C LYS B 118 -39.29 -5.82 -10.39
N THR B 119 -39.49 -6.94 -9.72
CA THR B 119 -38.39 -7.82 -9.32
C THR B 119 -37.64 -8.31 -10.55
N THR B 120 -36.31 -8.16 -10.52
CA THR B 120 -35.46 -8.48 -11.66
C THR B 120 -34.17 -9.09 -11.12
N PRO B 121 -33.77 -10.25 -11.66
CA PRO B 121 -32.52 -10.85 -11.18
C PRO B 121 -31.31 -10.12 -11.73
N PRO B 122 -30.17 -10.21 -11.06
CA PRO B 122 -28.98 -9.51 -11.58
C PRO B 122 -28.34 -10.22 -12.77
N SER B 123 -27.70 -9.43 -13.61
CA SER B 123 -26.77 -9.96 -14.59
C SER B 123 -25.40 -9.82 -13.93
N VAL B 124 -24.65 -10.91 -13.89
CA VAL B 124 -23.36 -10.91 -13.20
C VAL B 124 -22.24 -11.07 -14.23
N TYR B 125 -21.36 -10.07 -14.30
CA TYR B 125 -20.26 -10.12 -15.26
C TYR B 125 -18.91 -10.13 -14.60
N PRO B 126 -17.98 -10.94 -15.13
CA PRO B 126 -16.63 -10.95 -14.58
C PRO B 126 -15.84 -9.70 -14.98
N LEU B 127 -14.98 -9.24 -14.08
CA LEU B 127 -14.05 -8.16 -14.41
C LEU B 127 -12.62 -8.69 -14.35
N ALA B 128 -12.03 -8.89 -15.52
CA ALA B 128 -10.66 -9.39 -15.63
C ALA B 128 -9.78 -8.32 -16.26
N PRO B 129 -8.49 -8.34 -15.92
CA PRO B 129 -7.52 -7.38 -16.46
C PRO B 129 -7.55 -7.35 -17.99
N GLY B 136 4.25 -6.55 -11.18
CA GLY B 136 2.90 -6.48 -10.65
C GLY B 136 2.63 -7.54 -9.61
N SER B 137 3.01 -7.25 -8.36
CA SER B 137 2.88 -8.19 -7.25
C SER B 137 1.44 -8.67 -7.01
N SER B 138 0.52 -7.71 -6.94
CA SER B 138 -0.88 -8.03 -6.74
C SER B 138 -1.68 -7.76 -8.00
N VAL B 139 -2.83 -8.51 -8.21
CA VAL B 139 -3.75 -8.28 -9.31
C VAL B 139 -5.14 -8.06 -8.75
N THR B 140 -5.87 -7.10 -9.32
CA THR B 140 -7.23 -6.81 -8.89
C THR B 140 -8.23 -7.33 -9.90
N LEU B 141 -9.20 -8.10 -9.39
CA LEU B 141 -10.27 -8.66 -10.19
C LEU B 141 -11.58 -8.15 -9.64
N GLY B 142 -12.68 -8.44 -10.31
CA GLY B 142 -13.94 -7.96 -9.79
C GLY B 142 -15.14 -8.62 -10.40
N CYS B 143 -16.31 -8.23 -9.90
N CYS B 143 -16.31 -8.23 -9.90
CA CYS B 143 -17.58 -8.75 -10.37
CA CYS B 143 -17.58 -8.75 -10.37
C CYS B 143 -18.62 -7.64 -10.43
C CYS B 143 -18.62 -7.64 -10.43
N LEU B 144 -19.21 -7.44 -11.60
CA LEU B 144 -20.18 -6.39 -11.83
C LEU B 144 -21.56 -7.03 -11.71
N VAL B 145 -22.37 -6.53 -10.78
CA VAL B 145 -23.68 -7.12 -10.54
C VAL B 145 -24.72 -6.08 -10.94
N LYS B 146 -25.29 -6.29 -12.12
CA LYS B 146 -25.99 -5.21 -12.80
C LYS B 146 -27.49 -5.48 -13.03
N GLY B 147 -28.29 -4.44 -12.85
CA GLY B 147 -29.67 -4.44 -13.28
C GLY B 147 -30.63 -5.33 -12.50
N TYR B 148 -30.54 -5.29 -11.17
CA TYR B 148 -31.42 -6.10 -10.35
C TYR B 148 -32.35 -5.25 -9.48
N PHE B 149 -33.42 -5.86 -9.00
CA PHE B 149 -34.33 -5.18 -8.09
C PHE B 149 -35.12 -6.24 -7.35
N PRO B 150 -35.37 -6.03 -6.05
CA PRO B 150 -34.90 -5.00 -5.12
C PRO B 150 -33.56 -5.39 -4.50
N GLU B 151 -33.05 -4.57 -3.60
CA GLU B 151 -31.99 -4.98 -2.69
C GLU B 151 -32.59 -6.01 -1.74
N PRO B 152 -31.76 -6.83 -1.08
CA PRO B 152 -30.29 -6.89 -1.17
C PRO B 152 -29.77 -7.98 -2.11
N VAL B 153 -28.49 -7.88 -2.43
CA VAL B 153 -27.75 -9.03 -2.94
C VAL B 153 -26.57 -9.27 -2.00
N THR B 154 -26.05 -10.48 -2.03
CA THR B 154 -24.88 -10.84 -1.23
C THR B 154 -23.81 -11.30 -2.20
N VAL B 155 -22.57 -10.84 -2.00
CA VAL B 155 -21.45 -11.27 -2.84
C VAL B 155 -20.38 -11.91 -1.97
N THR B 156 -19.90 -13.07 -2.39
CA THR B 156 -18.72 -13.67 -1.79
C THR B 156 -17.75 -14.01 -2.91
N TRP B 157 -16.52 -14.37 -2.52
CA TRP B 157 -15.50 -14.79 -3.46
C TRP B 157 -15.01 -16.18 -3.09
N ASN B 158 -14.88 -17.06 -4.09
CA ASN B 158 -14.47 -18.43 -3.85
C ASN B 158 -15.25 -19.05 -2.70
N SER B 159 -16.57 -18.85 -2.73
CA SER B 159 -17.49 -19.40 -1.73
C SER B 159 -17.20 -18.93 -0.31
N GLY B 160 -16.55 -17.78 -0.18
CA GLY B 160 -16.25 -17.22 1.13
C GLY B 160 -14.84 -17.50 1.61
N SER B 161 -14.10 -18.36 0.92
CA SER B 161 -12.73 -18.68 1.33
C SER B 161 -11.77 -17.55 0.94
N LEU B 162 -12.19 -16.71 0.00
CA LEU B 162 -11.41 -15.53 -0.36
C LEU B 162 -12.10 -14.34 0.29
N SER B 163 -11.52 -13.85 1.38
CA SER B 163 -12.15 -12.81 2.20
C SER B 163 -11.30 -11.56 2.33
N SER B 164 -9.98 -11.75 2.40
CA SER B 164 -9.05 -10.64 2.50
C SER B 164 -8.95 -9.93 1.16
N GLY B 165 -8.75 -8.62 1.19
CA GLY B 165 -8.55 -7.85 -0.01
C GLY B 165 -9.80 -7.62 -0.87
N VAL B 166 -10.98 -7.76 -0.25
CA VAL B 166 -12.25 -7.60 -0.96
C VAL B 166 -12.90 -6.26 -0.62
N HIS B 167 -13.39 -5.55 -1.65
CA HIS B 167 -14.25 -4.39 -1.45
C HIS B 167 -15.57 -4.60 -2.17
N THR B 168 -16.67 -4.67 -1.42
CA THR B 168 -17.99 -4.73 -2.04
C THR B 168 -18.70 -3.39 -1.86
N PHE B 169 -19.01 -2.74 -2.98
CA PHE B 169 -19.54 -1.38 -2.98
C PHE B 169 -21.05 -1.35 -2.74
N PRO B 170 -21.51 -0.33 -2.03
CA PRO B 170 -22.96 -0.19 -1.83
C PRO B 170 -23.68 -0.09 -3.17
N ALA B 171 -24.86 -0.70 -3.23
CA ALA B 171 -25.64 -0.65 -4.45
C ALA B 171 -26.16 0.76 -4.68
N VAL B 172 -26.29 1.11 -5.96
CA VAL B 172 -26.86 2.40 -6.34
C VAL B 172 -28.05 2.18 -7.25
N LEU B 173 -29.16 2.85 -6.94
CA LEU B 173 -30.39 2.72 -7.70
C LEU B 173 -30.46 3.81 -8.77
N GLN B 174 -30.66 3.40 -10.01
CA GLN B 174 -30.95 4.33 -11.09
C GLN B 174 -32.02 3.75 -11.99
N SER B 175 -33.07 4.52 -12.25
CA SER B 175 -34.18 4.06 -13.11
C SER B 175 -34.73 2.68 -12.72
N ASP B 176 -34.94 2.50 -11.42
CA ASP B 176 -35.57 1.29 -10.88
C ASP B 176 -34.75 0.00 -10.98
N LEU B 177 -33.46 0.12 -11.28
CA LEU B 177 -32.58 -1.02 -11.22
C LEU B 177 -31.32 -0.66 -10.45
N TYR B 178 -30.85 -1.61 -9.64
CA TYR B 178 -29.62 -1.42 -8.88
C TYR B 178 -28.42 -1.98 -9.62
N THR B 179 -27.27 -1.39 -9.36
CA THR B 179 -26.00 -1.96 -9.77
C THR B 179 -25.08 -1.94 -8.57
N LEU B 180 -24.27 -2.97 -8.45
CA LEU B 180 -23.27 -3.04 -7.40
C LEU B 180 -22.04 -3.67 -8.03
N SER B 181 -20.89 -3.53 -7.40
CA SER B 181 -19.70 -4.21 -7.89
C SER B 181 -18.89 -4.63 -6.70
N SER B 182 -17.98 -5.57 -6.92
CA SER B 182 -17.10 -6.03 -5.87
C SER B 182 -15.71 -6.24 -6.46
N SER B 183 -14.69 -5.77 -5.74
CA SER B 183 -13.32 -6.00 -6.20
C SER B 183 -12.60 -6.91 -5.22
N VAL B 184 -11.66 -7.68 -5.76
CA VAL B 184 -10.81 -8.52 -4.93
C VAL B 184 -9.39 -8.46 -5.44
N THR B 185 -8.44 -8.29 -4.51
CA THR B 185 -7.04 -8.18 -4.86
C THR B 185 -6.30 -9.41 -4.32
N VAL B 186 -5.61 -10.12 -5.21
CA VAL B 186 -4.89 -11.34 -4.85
C VAL B 186 -3.47 -11.31 -5.42
N PRO B 187 -2.57 -12.10 -4.84
CA PRO B 187 -1.20 -12.18 -5.37
C PRO B 187 -1.23 -12.61 -6.84
N SER B 188 -0.39 -12.00 -7.67
CA SER B 188 -0.33 -12.33 -9.08
C SER B 188 0.11 -13.78 -9.30
N SER B 189 0.65 -14.39 -8.25
CA SER B 189 1.12 -15.76 -8.33
C SER B 189 0.00 -16.74 -7.96
N THR B 190 -1.22 -16.23 -7.88
CA THR B 190 -2.37 -17.06 -7.54
C THR B 190 -3.40 -17.06 -8.67
N TRP B 191 -3.33 -16.05 -9.52
CA TRP B 191 -4.25 -15.94 -10.65
C TRP B 191 -3.46 -15.58 -11.89
N PRO B 192 -3.78 -16.21 -13.04
CA PRO B 192 -4.93 -17.11 -13.22
C PRO B 192 -4.62 -18.57 -12.93
N SER B 193 -3.44 -18.87 -12.40
CA SER B 193 -3.08 -20.25 -12.11
C SER B 193 -4.10 -20.90 -11.16
N GLN B 194 -4.64 -20.12 -10.24
CA GLN B 194 -5.73 -20.60 -9.39
C GLN B 194 -6.98 -19.83 -9.76
N SER B 195 -8.12 -20.51 -9.71
N SER B 195 -8.12 -20.51 -9.71
CA SER B 195 -9.38 -19.89 -10.12
CA SER B 195 -9.38 -19.91 -10.12
C SER B 195 -9.89 -18.89 -9.10
C SER B 195 -9.93 -18.92 -9.10
N VAL B 196 -10.55 -17.84 -9.61
CA VAL B 196 -11.24 -16.87 -8.77
C VAL B 196 -12.65 -16.76 -9.31
N THR B 197 -13.63 -16.90 -8.43
N THR B 197 -13.62 -16.87 -8.41
CA THR B 197 -15.04 -16.90 -8.80
CA THR B 197 -15.02 -16.87 -8.77
C THR B 197 -15.82 -16.07 -7.82
C THR B 197 -15.83 -16.05 -7.77
N CYS B 198 -16.75 -15.25 -8.32
N CYS B 198 -16.73 -15.21 -8.29
CA CYS B 198 -17.63 -14.46 -7.46
CA CYS B 198 -17.64 -14.44 -7.44
C CYS B 198 -19.00 -15.14 -7.33
C CYS B 198 -19.00 -15.12 -7.33
N ASN B 199 -19.49 -15.26 -6.10
CA ASN B 199 -20.77 -15.90 -5.85
C ASN B 199 -21.78 -14.82 -5.50
N VAL B 200 -22.83 -14.71 -6.30
CA VAL B 200 -23.81 -13.63 -6.12
C VAL B 200 -25.20 -14.20 -5.82
N ALA B 201 -25.73 -13.86 -4.64
CA ALA B 201 -27.08 -14.29 -4.27
C ALA B 201 -28.05 -13.12 -4.28
N HIS B 202 -29.24 -13.36 -4.83
CA HIS B 202 -30.30 -12.38 -4.84
C HIS B 202 -31.57 -13.04 -4.34
N PRO B 203 -31.85 -12.92 -3.03
CA PRO B 203 -32.99 -13.63 -2.43
C PRO B 203 -34.31 -13.36 -3.15
N ALA B 204 -34.55 -12.15 -3.63
CA ALA B 204 -35.87 -11.86 -4.22
C ALA B 204 -36.15 -12.77 -5.44
N SER B 205 -35.10 -13.07 -6.21
CA SER B 205 -35.25 -13.91 -7.39
C SER B 205 -34.83 -15.37 -7.13
N SER B 206 -34.55 -15.69 -5.87
CA SER B 206 -34.08 -17.03 -5.49
C SER B 206 -32.85 -17.41 -6.31
N THR B 207 -32.01 -16.41 -6.58
CA THR B 207 -30.82 -16.56 -7.42
C THR B 207 -29.56 -16.79 -6.61
N LYS B 208 -28.75 -17.74 -7.05
CA LYS B 208 -27.40 -17.93 -6.56
C LYS B 208 -26.54 -18.31 -7.75
N VAL B 209 -25.74 -17.39 -8.26
CA VAL B 209 -24.91 -17.70 -9.42
C VAL B 209 -23.43 -17.54 -9.11
N ASP B 210 -22.61 -18.36 -9.76
CA ASP B 210 -21.16 -18.24 -9.67
C ASP B 210 -20.63 -17.76 -11.00
N LYS B 211 -19.71 -16.81 -10.97
CA LYS B 211 -19.09 -16.31 -12.18
C LYS B 211 -17.57 -16.40 -12.09
N LYS B 212 -16.99 -17.27 -12.90
CA LYS B 212 -15.55 -17.43 -12.93
C LYS B 212 -14.92 -16.25 -13.63
N ILE B 213 -13.82 -15.75 -13.07
CA ILE B 213 -13.07 -14.70 -13.72
C ILE B 213 -12.07 -15.38 -14.66
N GLU B 214 -12.39 -15.41 -15.96
CA GLU B 214 -11.51 -16.05 -16.94
C GLU B 214 -10.71 -14.98 -17.68
N PRO B 215 -9.38 -15.21 -17.79
CA PRO B 215 -8.49 -14.31 -18.53
C PRO B 215 -8.88 -14.19 -20.00
N ASP C 1 43.02 14.36 -22.15
CA ASP C 1 41.85 13.52 -21.90
C ASP C 1 40.57 14.28 -22.17
N ILE C 2 39.58 13.60 -22.73
CA ILE C 2 38.28 14.22 -23.00
C ILE C 2 37.35 14.08 -21.79
N GLN C 3 36.71 15.17 -21.41
N GLN C 3 36.75 15.18 -21.38
CA GLN C 3 35.78 15.17 -20.28
CA GLN C 3 35.77 15.15 -20.29
C GLN C 3 34.32 15.11 -20.73
C GLN C 3 34.36 15.00 -20.83
N MET C 4 33.59 14.13 -20.19
CA MET C 4 32.19 13.91 -20.54
C MET C 4 31.34 14.41 -19.39
N THR C 5 30.37 15.24 -19.73
CA THR C 5 29.54 15.88 -18.72
C THR C 5 28.08 15.59 -18.99
N GLN C 6 27.43 14.98 -18.00
CA GLN C 6 25.99 14.83 -18.02
C GLN C 6 25.47 15.87 -17.03
N THR C 7 25.05 17.01 -17.58
CA THR C 7 24.64 18.15 -16.75
C THR C 7 23.49 17.85 -15.80
N THR C 8 22.63 16.89 -16.14
CA THR C 8 21.61 16.48 -15.19
C THR C 8 22.09 15.19 -14.49
N SER C 9 22.26 15.23 -13.18
CA SER C 9 22.76 14.04 -12.48
C SER C 9 21.62 13.15 -12.02
N SER C 10 20.42 13.70 -11.97
CA SER C 10 19.26 12.89 -11.66
C SER C 10 18.03 13.51 -12.29
N LEU C 11 17.09 12.67 -12.70
CA LEU C 11 15.82 13.17 -13.17
C LEU C 11 14.70 12.29 -12.66
N SER C 12 13.51 12.88 -12.60
CA SER C 12 12.34 12.20 -12.13
C SER C 12 11.30 12.29 -13.24
N ALA C 13 10.77 11.15 -13.67
CA ALA C 13 9.80 11.13 -14.77
C ALA C 13 8.71 10.11 -14.54
N SER C 14 7.58 10.28 -15.21
CA SER C 14 6.44 9.39 -14.98
C SER C 14 6.42 8.23 -15.97
N LEU C 15 5.84 7.11 -15.56
CA LEU C 15 5.68 5.97 -16.46
C LEU C 15 5.01 6.41 -17.75
N GLY C 16 5.53 5.94 -18.88
CA GLY C 16 5.00 6.30 -20.18
C GLY C 16 5.62 7.52 -20.83
N ASP C 17 6.32 8.35 -20.04
CA ASP C 17 7.01 9.52 -20.57
C ASP C 17 8.10 9.10 -21.56
N ARG C 18 8.30 9.91 -22.60
CA ARG C 18 9.50 9.82 -23.43
C ARG C 18 10.56 10.63 -22.69
N VAL C 19 11.66 10.00 -22.31
CA VAL C 19 12.68 10.62 -21.47
C VAL C 19 13.96 10.85 -22.24
N THR C 20 14.58 12.02 -22.05
CA THR C 20 15.84 12.35 -22.72
C THR C 20 16.95 12.58 -21.71
N ILE C 21 18.07 11.88 -21.91
CA ILE C 21 19.26 12.05 -21.08
C ILE C 21 20.37 12.58 -21.95
N SER C 22 20.98 13.68 -21.55
CA SER C 22 21.97 14.35 -22.38
C SER C 22 23.41 14.21 -21.91
N CYS C 23 24.35 14.34 -22.86
CA CYS C 23 25.80 14.16 -22.65
C CYS C 23 26.53 15.18 -23.51
N ARG C 24 27.48 15.83 -22.91
CA ARG C 24 28.32 16.75 -23.66
C ARG C 24 29.80 16.40 -23.52
N ALA C 25 30.47 16.27 -24.65
CA ALA C 25 31.92 16.02 -24.66
C ALA C 25 32.66 17.34 -24.73
N SER C 26 33.83 17.39 -24.11
CA SER C 26 34.64 18.60 -24.06
C SER C 26 35.25 18.95 -25.42
N GLN C 27 35.22 18.00 -26.36
CA GLN C 27 35.60 18.29 -27.73
C GLN C 27 34.84 17.35 -28.66
N ASP C 28 34.85 17.65 -29.95
CA ASP C 28 34.18 16.83 -30.98
C ASP C 28 34.67 15.39 -30.87
N ILE C 29 33.75 14.45 -30.65
CA ILE C 29 34.13 13.04 -30.57
C ILE C 29 33.64 12.20 -31.75
N SER C 30 33.16 12.87 -32.81
CA SER C 30 32.92 12.20 -34.09
C SER C 30 32.05 10.94 -33.95
N ASN C 31 31.00 11.04 -33.15
CA ASN C 31 30.01 9.97 -33.03
C ASN C 31 30.47 8.71 -32.28
N TYR C 32 31.68 8.72 -31.73
CA TYR C 32 32.16 7.62 -30.92
C TYR C 32 31.69 7.80 -29.49
N LEU C 33 30.40 7.53 -29.28
CA LEU C 33 29.75 7.81 -28.02
C LEU C 33 28.85 6.63 -27.68
N ASN C 34 29.07 6.06 -26.50
CA ASN C 34 28.33 4.87 -26.06
C ASN C 34 27.54 5.18 -24.80
N TRP C 35 26.46 4.42 -24.59
CA TRP C 35 25.61 4.57 -23.39
C TRP C 35 25.46 3.26 -22.64
N TYR C 36 25.53 3.35 -21.31
CA TYR C 36 25.39 2.20 -20.42
C TYR C 36 24.28 2.44 -19.42
N GLN C 37 23.65 1.34 -18.99
CA GLN C 37 22.67 1.38 -17.90
C GLN C 37 23.25 0.59 -16.73
N GLN C 38 23.26 1.19 -15.55
CA GLN C 38 23.61 0.43 -14.36
C GLN C 38 22.42 0.36 -13.42
N LYS C 39 21.95 -0.86 -13.17
CA LYS C 39 20.82 -1.08 -12.28
C LYS C 39 21.27 -0.85 -10.82
N PRO C 40 20.30 -0.60 -9.92
CA PRO C 40 20.66 -0.40 -8.52
C PRO C 40 21.53 -1.53 -7.94
N ASP C 41 21.35 -2.76 -8.42
CA ASP C 41 22.14 -3.89 -7.90
C ASP C 41 23.56 -3.93 -8.46
N GLY C 42 23.90 -2.98 -9.32
CA GLY C 42 25.25 -2.88 -9.83
C GLY C 42 25.43 -3.42 -11.24
N THR C 43 24.43 -4.16 -11.74
CA THR C 43 24.49 -4.74 -13.09
C THR C 43 24.64 -3.68 -14.16
N VAL C 44 25.67 -3.79 -14.98
CA VAL C 44 25.88 -2.83 -16.08
C VAL C 44 25.64 -3.50 -17.42
N LYS C 45 24.95 -2.81 -18.32
N LYS C 45 24.93 -2.80 -18.32
CA LYS C 45 24.88 -3.28 -19.69
CA LYS C 45 24.73 -3.23 -19.70
C LYS C 45 25.03 -2.16 -20.69
C LYS C 45 25.06 -2.12 -20.68
N LEU C 46 25.63 -2.48 -21.82
CA LEU C 46 25.72 -1.56 -22.95
C LEU C 46 24.33 -1.43 -23.59
N LEU C 47 23.91 -0.19 -23.80
CA LEU C 47 22.61 0.06 -24.45
C LEU C 47 22.80 0.42 -25.90
N ILE C 48 23.70 1.38 -26.15
CA ILE C 48 23.85 2.02 -27.45
C ILE C 48 25.34 2.23 -27.68
N TYR C 49 25.80 1.95 -28.90
CA TYR C 49 27.19 2.28 -29.25
C TYR C 49 27.24 3.06 -30.55
N TYR C 50 28.35 3.76 -30.77
CA TYR C 50 28.53 4.56 -31.98
C TYR C 50 27.32 5.48 -32.18
N THR C 51 26.96 6.17 -31.09
CA THR C 51 25.88 7.16 -31.04
C THR C 51 24.48 6.58 -31.06
N SER C 52 24.21 5.67 -32.00
CA SER C 52 22.84 5.34 -32.36
C SER C 52 22.58 3.85 -32.57
N ARG C 53 23.58 3.00 -32.39
CA ARG C 53 23.39 1.57 -32.66
C ARG C 53 22.93 0.83 -31.41
N LEU C 54 21.72 0.27 -31.47
CA LEU C 54 21.15 -0.47 -30.36
C LEU C 54 21.89 -1.80 -30.18
N HIS C 55 22.36 -2.06 -28.96
CA HIS C 55 23.11 -3.28 -28.72
C HIS C 55 22.20 -4.50 -28.70
N SER C 56 22.71 -5.66 -29.13
CA SER C 56 21.90 -6.87 -29.17
C SER C 56 21.23 -7.18 -27.83
N GLY C 57 19.94 -7.55 -27.90
CA GLY C 57 19.19 -7.96 -26.73
C GLY C 57 18.56 -6.82 -25.92
N VAL C 58 18.96 -5.59 -26.21
CA VAL C 58 18.42 -4.44 -25.48
C VAL C 58 17.06 -4.04 -26.04
N THR C 59 16.13 -3.69 -25.14
CA THR C 59 14.81 -3.24 -25.57
C THR C 59 14.91 -2.06 -26.53
N SER C 60 14.10 -2.09 -27.58
CA SER C 60 14.09 -1.02 -28.56
C SER C 60 13.46 0.27 -28.03
N ARG C 61 13.01 0.28 -26.78
CA ARG C 61 12.61 1.54 -26.18
C ARG C 61 13.80 2.49 -26.00
N PHE C 62 15.02 1.95 -26.01
CA PHE C 62 16.20 2.80 -25.93
C PHE C 62 16.65 3.19 -27.33
N SER C 63 17.08 4.44 -27.48
CA SER C 63 17.69 4.90 -28.73
C SER C 63 18.67 6.00 -28.40
N GLY C 64 19.55 6.29 -29.35
CA GLY C 64 20.56 7.31 -29.16
C GLY C 64 20.71 8.18 -30.38
N SER C 65 21.09 9.43 -30.16
CA SER C 65 21.25 10.40 -31.24
C SER C 65 22.36 11.37 -30.89
N GLY C 66 22.72 12.21 -31.85
CA GLY C 66 23.71 13.25 -31.63
C GLY C 66 24.85 13.28 -32.64
N SER C 67 25.72 14.26 -32.46
CA SER C 67 26.90 14.41 -33.28
C SER C 67 27.75 15.53 -32.68
N GLY C 68 28.99 15.65 -33.12
CA GLY C 68 29.88 16.68 -32.59
C GLY C 68 30.19 16.47 -31.12
N THR C 69 29.77 17.44 -30.29
CA THR C 69 29.95 17.31 -28.83
C THR C 69 28.69 16.88 -28.09
N ASP C 70 27.54 16.92 -28.74
CA ASP C 70 26.27 16.76 -28.02
C ASP C 70 25.51 15.49 -28.39
N TYR C 71 25.19 14.70 -27.36
CA TYR C 71 24.56 13.40 -27.56
C TYR C 71 23.40 13.20 -26.60
N SER C 72 22.47 12.35 -27.00
N SER C 72 22.47 12.33 -26.97
CA SER C 72 21.30 12.06 -26.18
CA SER C 72 21.37 12.04 -26.08
C SER C 72 20.90 10.59 -26.20
C SER C 72 20.89 10.62 -26.18
N LEU C 73 20.48 10.09 -25.04
CA LEU C 73 19.86 8.78 -24.93
C LEU C 73 18.38 9.06 -24.72
N THR C 74 17.54 8.41 -25.51
CA THR C 74 16.10 8.56 -25.35
C THR C 74 15.48 7.25 -24.91
N ILE C 75 14.54 7.34 -23.97
CA ILE C 75 13.68 6.21 -23.63
C ILE C 75 12.29 6.50 -24.21
N SER C 76 11.81 5.64 -25.13
CA SER C 76 10.61 5.97 -25.95
C SER C 76 9.36 6.08 -25.10
N ASN C 77 9.26 5.21 -24.10
CA ASN C 77 8.23 5.32 -23.10
C ASN C 77 8.78 4.69 -21.83
N LEU C 78 8.79 5.45 -20.74
CA LEU C 78 9.45 5.01 -19.51
C LEU C 78 8.67 3.87 -18.89
N GLU C 79 9.35 2.81 -18.50
N GLU C 79 9.38 2.85 -18.44
CA GLU C 79 8.70 1.67 -17.89
CA GLU C 79 8.75 1.68 -17.87
C GLU C 79 9.31 1.42 -16.51
C GLU C 79 9.40 1.31 -16.55
N GLN C 80 8.66 0.55 -15.75
CA GLN C 80 9.04 0.27 -14.39
C GLN C 80 10.48 -0.23 -14.22
N GLU C 81 10.93 -1.05 -15.18
CA GLU C 81 12.28 -1.63 -15.16
C GLU C 81 13.42 -0.65 -15.45
N ASP C 82 13.10 0.62 -15.69
CA ASP C 82 14.11 1.59 -16.12
C ASP C 82 14.83 2.32 -14.98
N ILE C 83 14.44 2.04 -13.74
CA ILE C 83 15.17 2.63 -12.60
C ILE C 83 16.63 2.19 -12.65
N ALA C 84 17.52 3.17 -12.78
CA ALA C 84 18.92 2.87 -13.07
C ALA C 84 19.67 4.17 -13.19
N THR C 85 21.00 4.07 -13.29
CA THR C 85 21.84 5.21 -13.63
C THR C 85 22.41 5.00 -15.03
N TYR C 86 22.32 6.04 -15.86
CA TYR C 86 22.71 5.95 -17.27
C TYR C 86 23.97 6.76 -17.48
N PHE C 87 24.99 6.14 -18.10
CA PHE C 87 26.31 6.77 -18.26
C PHE C 87 26.66 6.85 -19.73
N CYS C 88 27.21 7.98 -20.15
CA CYS C 88 27.78 8.12 -21.48
C CYS C 88 29.28 7.84 -21.41
N GLN C 89 29.89 7.53 -22.55
CA GLN C 89 31.31 7.19 -22.59
C GLN C 89 31.84 7.47 -23.99
N GLN C 90 32.94 8.22 -24.09
CA GLN C 90 33.54 8.47 -25.40
C GLN C 90 34.59 7.44 -25.75
N GLY C 91 34.56 7.02 -27.01
CA GLY C 91 35.52 6.08 -27.56
C GLY C 91 36.30 6.69 -28.71
N ASN C 92 36.54 7.99 -28.64
CA ASN C 92 37.27 8.70 -29.68
C ASN C 92 38.78 8.76 -29.46
N THR C 93 39.19 9.15 -28.26
CA THR C 93 40.62 9.28 -27.94
C THR C 93 40.90 8.73 -26.56
N LEU C 94 41.96 7.94 -26.45
CA LEU C 94 42.39 7.40 -25.16
C LEU C 94 42.83 8.51 -24.22
N PRO C 95 42.65 8.33 -22.90
CA PRO C 95 41.95 7.19 -22.28
C PRO C 95 40.45 7.29 -22.48
N TRP C 96 39.80 6.16 -22.64
CA TRP C 96 38.34 6.18 -22.73
C TRP C 96 37.79 6.75 -21.45
N THR C 97 36.81 7.64 -21.53
CA THR C 97 36.28 8.33 -20.35
C THR C 97 34.76 8.32 -20.32
N PHE C 98 34.22 8.32 -19.11
CA PHE C 98 32.79 8.25 -18.84
C PHE C 98 32.24 9.55 -18.27
N GLY C 99 30.97 9.81 -18.55
CA GLY C 99 30.24 10.84 -17.87
C GLY C 99 29.93 10.40 -16.46
N GLY C 100 29.47 11.35 -15.65
CA GLY C 100 29.21 11.07 -14.26
C GLY C 100 27.89 10.37 -13.94
N GLY C 101 27.06 10.15 -14.95
CA GLY C 101 25.82 9.40 -14.75
C GLY C 101 24.61 10.29 -14.53
N THR C 102 23.46 9.79 -14.97
CA THR C 102 22.17 10.41 -14.70
C THR C 102 21.29 9.33 -14.12
N LYS C 103 20.88 9.51 -12.87
CA LYS C 103 20.01 8.54 -12.22
C LYS C 103 18.56 8.85 -12.59
N VAL C 104 17.82 7.85 -13.01
CA VAL C 104 16.41 8.03 -13.34
C VAL C 104 15.53 7.52 -12.20
N GLU C 105 14.68 8.41 -11.68
CA GLU C 105 13.66 8.08 -10.69
C GLU C 105 12.30 8.06 -11.35
N ILE C 106 11.48 7.06 -10.99
CA ILE C 106 10.09 7.02 -11.42
C ILE C 106 9.23 7.83 -10.47
N LYS C 107 8.54 8.81 -11.02
CA LYS C 107 7.62 9.64 -10.24
C LYS C 107 6.31 8.88 -10.03
N ARG C 108 6.07 8.42 -8.80
CA ARG C 108 4.82 7.72 -8.52
C ARG C 108 3.97 8.59 -7.59
N ALA C 109 2.76 8.13 -7.28
CA ALA C 109 1.94 8.85 -6.32
C ALA C 109 2.54 8.77 -4.91
N ASP C 110 2.19 9.73 -4.06
CA ASP C 110 2.71 9.72 -2.69
C ASP C 110 2.43 8.41 -1.97
N ALA C 111 3.34 8.02 -1.09
CA ALA C 111 3.18 6.85 -0.21
C ALA C 111 3.74 7.20 1.16
N ALA C 112 2.95 6.91 2.19
CA ALA C 112 3.35 7.21 3.56
C ALA C 112 4.29 6.14 4.10
N PRO C 113 5.28 6.55 4.90
CA PRO C 113 6.18 5.54 5.48
C PRO C 113 5.48 4.70 6.54
N THR C 114 5.76 3.41 6.56
CA THR C 114 5.40 2.55 7.66
C THR C 114 6.59 2.57 8.61
N VAL C 115 6.37 3.05 9.83
CA VAL C 115 7.45 3.26 10.78
C VAL C 115 7.45 2.19 11.85
N SER C 116 8.62 1.60 12.11
CA SER C 116 8.77 0.56 13.13
C SER C 116 9.98 0.88 13.99
N ILE C 117 9.82 0.78 15.31
CA ILE C 117 10.93 0.99 16.24
C ILE C 117 11.27 -0.30 16.99
N PHE C 118 12.55 -0.53 17.23
CA PHE C 118 13.04 -1.74 17.90
C PHE C 118 14.02 -1.41 19.02
N PRO C 119 13.72 -1.84 20.24
CA PRO C 119 14.68 -1.69 21.33
C PRO C 119 15.92 -2.54 21.09
N PRO C 120 17.00 -2.26 21.82
CA PRO C 120 18.17 -3.13 21.77
C PRO C 120 17.80 -4.56 22.12
N SER C 121 18.46 -5.51 21.48
CA SER C 121 18.29 -6.92 21.83
C SER C 121 18.92 -7.21 23.19
N SER C 122 18.38 -8.19 23.91
CA SER C 122 18.98 -8.55 25.19
C SER C 122 20.44 -8.98 24.99
N GLU C 123 20.71 -9.67 23.89
CA GLU C 123 22.07 -10.08 23.58
C GLU C 123 23.05 -8.91 23.53
N GLN C 124 22.68 -7.85 22.81
CA GLN C 124 23.56 -6.69 22.70
C GLN C 124 23.72 -5.98 24.04
N LEU C 125 22.63 -5.87 24.78
CA LEU C 125 22.69 -5.25 26.11
C LEU C 125 23.66 -5.98 27.03
N THR C 126 23.57 -7.30 27.04
CA THR C 126 24.44 -8.10 27.89
C THR C 126 25.91 -7.85 27.54
N SER C 127 26.16 -7.44 26.31
CA SER C 127 27.53 -7.17 25.86
C SER C 127 27.94 -5.71 26.08
N GLY C 128 27.03 -4.89 26.61
CA GLY C 128 27.37 -3.52 26.95
C GLY C 128 26.99 -2.44 25.96
N GLY C 129 26.31 -2.81 24.88
CA GLY C 129 25.94 -1.85 23.85
C GLY C 129 24.44 -1.73 23.73
N ALA C 130 23.95 -0.67 23.10
CA ALA C 130 22.51 -0.47 22.99
C ALA C 130 22.13 0.26 21.72
N SER C 131 21.78 -0.49 20.69
CA SER C 131 21.39 0.14 19.43
C SER C 131 19.88 0.13 19.34
N VAL C 132 19.30 1.29 19.06
CA VAL C 132 17.87 1.38 18.86
C VAL C 132 17.67 1.61 17.38
N VAL C 133 16.78 0.85 16.75
CA VAL C 133 16.62 0.91 15.30
C VAL C 133 15.22 1.35 14.92
N CYS C 134 15.13 2.16 13.86
CA CYS C 134 13.83 2.60 13.37
C CYS C 134 13.75 2.51 11.85
N PHE C 135 12.89 1.63 11.35
CA PHE C 135 12.70 1.47 9.91
C PHE C 135 11.56 2.36 9.44
N LEU C 136 11.77 3.03 8.32
CA LEU C 136 10.74 3.85 7.69
C LEU C 136 10.60 3.31 6.29
N ASN C 137 9.54 2.53 6.06
CA ASN C 137 9.51 1.72 4.85
C ASN C 137 8.45 2.14 3.84
N ASN C 138 8.81 2.02 2.58
CA ASN C 138 7.90 2.14 1.45
C ASN C 138 7.22 3.49 1.30
N PHE C 139 8.02 4.55 1.30
CA PHE C 139 7.51 5.91 1.19
C PHE C 139 7.89 6.58 -0.13
N TYR C 140 7.14 7.61 -0.48
CA TYR C 140 7.41 8.41 -1.66
C TYR C 140 6.71 9.76 -1.47
N PRO C 141 7.36 10.89 -1.78
CA PRO C 141 8.71 11.04 -2.36
C PRO C 141 9.84 10.73 -1.36
N LYS C 142 11.07 10.80 -1.85
CA LYS C 142 12.23 10.36 -1.05
C LYS C 142 12.50 11.29 0.13
N ASP C 143 12.06 12.55 0.00
N ASP C 143 12.04 12.54 0.01
CA ASP C 143 12.25 13.56 1.03
CA ASP C 143 12.31 13.56 1.03
C ASP C 143 11.62 13.13 2.34
C ASP C 143 11.62 13.23 2.36
N ILE C 144 12.42 13.03 3.40
CA ILE C 144 11.92 12.61 4.70
C ILE C 144 12.92 13.07 5.74
N ASN C 145 12.41 13.43 6.92
CA ASN C 145 13.28 13.81 8.03
C ASN C 145 12.97 12.92 9.20
N VAL C 146 14.02 12.46 9.88
CA VAL C 146 13.85 11.60 11.05
C VAL C 146 14.57 12.19 12.25
N LYS C 147 13.88 12.23 13.38
CA LYS C 147 14.46 12.68 14.65
C LYS C 147 14.41 11.55 15.65
N TRP C 148 15.46 11.43 16.45
CA TRP C 148 15.44 10.59 17.64
C TRP C 148 15.22 11.47 18.85
N LYS C 149 14.29 11.07 19.71
CA LYS C 149 14.12 11.78 20.98
C LYS C 149 14.26 10.80 22.12
N ILE C 150 14.99 11.22 23.14
CA ILE C 150 15.22 10.39 24.32
C ILE C 150 14.70 11.21 25.48
N ASP C 151 13.71 10.67 26.20
CA ASP C 151 13.04 11.47 27.23
C ASP C 151 12.66 12.86 26.70
N GLY C 152 12.25 12.90 25.43
CA GLY C 152 11.77 14.13 24.84
C GLY C 152 12.82 15.09 24.28
N SER C 153 14.10 14.79 24.48
CA SER C 153 15.17 15.63 23.95
C SER C 153 15.77 15.01 22.69
N GLU C 154 16.00 15.82 21.67
CA GLU C 154 16.57 15.28 20.44
C GLU C 154 18.01 14.82 20.64
N ARG C 155 18.35 13.71 20.01
N ARG C 155 18.34 13.70 20.02
CA ARG C 155 19.68 13.13 20.07
CA ARG C 155 19.69 13.14 20.07
C ARG C 155 20.21 12.94 18.66
C ARG C 155 20.20 12.98 18.64
N GLN C 156 21.39 13.51 18.38
CA GLN C 156 21.99 13.37 17.05
C GLN C 156 23.30 12.56 16.99
N ASN C 157 24.09 12.56 18.05
CA ASN C 157 25.34 11.78 18.00
C ASN C 157 25.03 10.28 18.11
N GLY C 158 25.78 9.44 17.39
CA GLY C 158 25.54 8.01 17.40
C GLY C 158 24.45 7.52 16.47
N VAL C 159 24.00 8.36 15.55
CA VAL C 159 22.98 7.98 14.58
C VAL C 159 23.61 7.56 13.24
N LEU C 160 23.15 6.43 12.72
CA LEU C 160 23.58 5.91 11.42
C LEU C 160 22.35 5.72 10.54
N ASN C 161 22.28 6.45 9.43
CA ASN C 161 21.14 6.38 8.52
C ASN C 161 21.53 5.75 7.19
N SER C 162 20.62 4.97 6.62
CA SER C 162 20.83 4.34 5.32
C SER C 162 19.54 4.30 4.54
N TRP C 163 19.62 4.47 3.22
CA TRP C 163 18.45 4.51 2.35
C TRP C 163 18.59 3.46 1.28
N THR C 164 17.51 2.77 0.98
CA THR C 164 17.52 1.92 -0.19
C THR C 164 17.43 2.73 -1.48
N ASP C 165 17.82 2.11 -2.58
CA ASP C 165 17.52 2.69 -3.88
C ASP C 165 16.02 2.57 -4.13
N GLN C 166 15.51 3.30 -5.11
CA GLN C 166 14.10 3.21 -5.41
C GLN C 166 13.72 1.77 -5.77
N ASP C 167 12.63 1.27 -5.19
CA ASP C 167 12.25 -0.13 -5.34
C ASP C 167 11.83 -0.45 -6.76
N SER C 168 12.36 -1.53 -7.29
CA SER C 168 12.17 -1.87 -8.68
C SER C 168 10.73 -2.20 -9.03
N LYS C 169 9.94 -2.56 -8.04
CA LYS C 169 8.58 -3.01 -8.31
C LYS C 169 7.52 -1.97 -7.94
N ASP C 170 7.71 -1.27 -6.82
CA ASP C 170 6.68 -0.32 -6.38
C ASP C 170 7.12 1.15 -6.36
N SER C 171 8.36 1.40 -6.75
CA SER C 171 8.89 2.76 -6.86
C SER C 171 8.98 3.55 -5.55
N THR C 172 8.94 2.86 -4.43
CA THR C 172 9.08 3.53 -3.14
C THR C 172 10.51 3.49 -2.64
N TYR C 173 10.76 4.29 -1.59
CA TYR C 173 12.04 4.31 -0.90
C TYR C 173 11.85 3.77 0.50
N SER C 174 12.92 3.30 1.11
CA SER C 174 12.89 2.95 2.51
C SER C 174 14.14 3.48 3.19
N MET C 175 14.06 3.60 4.52
CA MET C 175 15.16 4.16 5.28
C MET C 175 15.32 3.42 6.58
N SER C 176 16.56 3.28 7.01
CA SER C 176 16.86 2.73 8.32
C SER C 176 17.64 3.75 9.12
N SER C 177 17.28 3.95 10.38
CA SER C 177 18.02 4.84 11.27
C SER C 177 18.36 4.09 12.54
N THR C 178 19.65 4.05 12.88
CA THR C 178 20.12 3.33 14.07
C THR C 178 20.82 4.28 15.02
N LEU C 179 20.31 4.35 16.25
CA LEU C 179 20.91 5.15 17.30
C LEU C 179 21.65 4.21 18.21
N THR C 180 22.97 4.35 18.27
CA THR C 180 23.77 3.47 19.13
C THR C 180 24.28 4.23 20.35
N LEU C 181 23.95 3.68 21.52
CA LEU C 181 24.32 4.22 22.82
C LEU C 181 25.11 3.16 23.56
N THR C 182 25.79 3.55 24.63
CA THR C 182 26.32 2.56 25.56
C THR C 182 25.16 2.05 26.40
N LYS C 183 25.35 0.89 27.01
CA LYS C 183 24.33 0.36 27.91
C LYS C 183 24.05 1.36 29.02
N ASP C 184 25.10 1.96 29.57
CA ASP C 184 24.93 2.90 30.68
C ASP C 184 24.07 4.11 30.28
N GLU C 185 24.32 4.65 29.09
CA GLU C 185 23.54 5.75 28.55
C GLU C 185 22.09 5.34 28.37
N TYR C 186 21.90 4.18 27.75
CA TYR C 186 20.57 3.68 27.45
C TYR C 186 19.75 3.57 28.73
N GLU C 187 20.42 3.15 29.80
CA GLU C 187 19.73 2.88 31.07
C GLU C 187 19.41 4.14 31.88
N ARG C 188 19.93 5.28 31.45
CA ARG C 188 19.62 6.53 32.14
C ARG C 188 18.29 7.12 31.71
N HIS C 189 17.68 6.54 30.67
CA HIS C 189 16.48 7.14 30.08
C HIS C 189 15.35 6.15 29.91
N ASN C 190 14.14 6.69 29.76
CA ASN C 190 12.96 5.85 29.67
C ASN C 190 12.34 5.79 28.28
N SER C 191 12.02 6.95 27.71
N SER C 191 12.07 6.96 27.71
CA SER C 191 11.28 6.97 26.46
CA SER C 191 11.31 7.06 26.47
C SER C 191 12.19 7.17 25.28
C SER C 191 12.23 7.18 25.27
N TYR C 192 12.02 6.32 24.28
CA TYR C 192 12.79 6.33 23.05
C TYR C 192 11.84 6.49 21.91
N THR C 193 12.03 7.52 21.12
CA THR C 193 11.07 7.86 20.08
C THR C 193 11.77 8.10 18.76
N CYS C 194 11.21 7.56 17.69
N CYS C 194 11.22 7.51 17.70
CA CYS C 194 11.60 7.89 16.32
CA CYS C 194 11.63 7.76 16.33
C CYS C 194 10.45 8.68 15.69
C CYS C 194 10.51 8.51 15.63
N GLU C 195 10.74 9.87 15.19
N GLU C 195 10.80 9.75 15.24
CA GLU C 195 9.70 10.77 14.75
CA GLU C 195 9.77 10.66 14.73
C GLU C 195 10.01 11.22 13.33
C GLU C 195 10.12 11.04 13.29
N ALA C 196 9.17 10.84 12.37
CA ALA C 196 9.40 11.18 10.97
C ALA C 196 8.49 12.28 10.48
N THR C 197 9.03 13.11 9.61
N THR C 197 9.02 13.16 9.66
CA THR C 197 8.28 14.16 8.93
CA THR C 197 8.17 14.11 8.97
C THR C 197 8.29 13.83 7.46
C THR C 197 8.27 13.84 7.49
N HIS C 198 7.09 13.73 6.88
CA HIS C 198 6.94 13.38 5.47
C HIS C 198 5.70 14.08 4.96
N LYS C 199 5.65 14.33 3.66
CA LYS C 199 4.58 15.17 3.13
C LYS C 199 3.20 14.53 3.27
N THR C 200 3.17 13.20 3.46
CA THR C 200 1.92 12.46 3.58
C THR C 200 1.21 12.60 4.92
N SER C 201 1.82 13.28 5.89
N SER C 201 1.84 13.27 5.88
CA SER C 201 1.15 13.55 7.16
CA SER C 201 1.21 13.55 7.16
C SER C 201 1.45 14.95 7.65
C SER C 201 1.43 15.01 7.52
N THR C 202 0.40 15.70 8.00
CA THR C 202 0.61 17.07 8.48
C THR C 202 1.33 17.10 9.81
N SER C 203 1.21 16.02 10.56
N SER C 203 1.21 16.02 10.58
CA SER C 203 1.90 15.91 11.85
CA SER C 203 1.89 15.91 11.86
C SER C 203 3.04 14.90 11.74
C SER C 203 2.97 14.84 11.82
N PRO C 204 3.98 14.94 12.69
CA PRO C 204 5.03 13.93 12.69
C PRO C 204 4.43 12.53 12.90
N ILE C 205 5.06 11.55 12.28
CA ILE C 205 4.70 10.16 12.42
C ILE C 205 5.62 9.60 13.49
N VAL C 206 5.06 9.15 14.60
CA VAL C 206 5.84 8.82 15.79
C VAL C 206 5.68 7.34 16.14
N LYS C 207 6.79 6.68 16.42
CA LYS C 207 6.81 5.40 17.11
C LYS C 207 7.73 5.49 18.30
N SER C 208 7.33 4.85 19.38
N SER C 208 7.30 4.89 19.40
CA SER C 208 8.03 5.01 20.64
CA SER C 208 8.03 5.01 20.65
C SER C 208 7.94 3.76 21.47
C SER C 208 8.02 3.69 21.41
N PHE C 209 8.91 3.58 22.38
CA PHE C 209 8.75 2.59 23.43
C PHE C 209 9.31 3.16 24.71
N ASN C 210 8.85 2.60 25.82
CA ASN C 210 9.35 3.00 27.12
C ASN C 210 10.06 1.82 27.71
N ARG C 211 11.25 2.06 28.22
CA ARG C 211 12.03 1.01 28.88
C ARG C 211 11.27 0.40 30.04
N ASN C 212 10.45 1.21 30.71
CA ASN C 212 9.73 0.71 31.87
C ASN C 212 8.49 -0.14 31.53
N GLU C 213 8.37 -0.56 30.27
CA GLU C 213 7.24 -1.37 29.84
C GLU C 213 7.67 -2.61 29.05
N GLU D 1 24.75 -17.95 -23.94
CA GLU D 1 24.79 -16.52 -23.64
C GLU D 1 26.20 -16.08 -23.28
N VAL D 2 26.58 -14.88 -23.69
CA VAL D 2 27.87 -14.34 -23.30
C VAL D 2 27.88 -14.13 -21.80
N MET D 3 28.93 -14.62 -21.15
N MET D 3 28.94 -14.59 -21.15
CA MET D 3 29.07 -14.45 -19.71
CA MET D 3 29.06 -14.49 -19.70
C MET D 3 30.50 -14.12 -19.35
C MET D 3 30.49 -14.22 -19.25
N LEU D 4 30.66 -13.21 -18.40
CA LEU D 4 31.95 -12.88 -17.83
C LEU D 4 31.75 -12.90 -16.33
N VAL D 5 32.70 -13.50 -15.61
CA VAL D 5 32.59 -13.60 -14.15
C VAL D 5 33.93 -13.21 -13.51
N GLU D 6 33.95 -12.08 -12.79
CA GLU D 6 35.17 -11.63 -12.11
C GLU D 6 35.33 -12.30 -10.76
N SER D 7 36.58 -12.44 -10.34
CA SER D 7 36.86 -12.95 -9.00
C SER D 7 38.18 -12.38 -8.52
N GLY D 8 38.42 -12.48 -7.22
CA GLY D 8 39.69 -12.10 -6.62
C GLY D 8 39.66 -10.80 -5.82
N GLY D 9 38.54 -10.08 -5.86
CA GLY D 9 38.43 -8.82 -5.13
C GLY D 9 38.26 -9.09 -3.64
N VAL D 10 39.20 -8.58 -2.84
CA VAL D 10 39.23 -8.77 -1.40
C VAL D 10 39.91 -7.57 -0.78
N LEU D 11 40.01 -7.56 0.53
CA LEU D 11 40.75 -6.54 1.25
C LEU D 11 42.26 -6.74 1.02
N VAL D 12 42.95 -5.64 0.74
CA VAL D 12 44.39 -5.65 0.54
C VAL D 12 44.98 -4.40 1.22
N LYS D 13 46.14 -4.54 1.84
CA LYS D 13 46.75 -3.41 2.53
C LYS D 13 47.40 -2.46 1.53
N PRO D 14 47.42 -1.17 1.86
CA PRO D 14 48.16 -0.21 1.03
C PRO D 14 49.59 -0.69 0.75
N GLY D 15 50.01 -0.54 -0.50
CA GLY D 15 51.31 -1.03 -0.94
C GLY D 15 51.27 -2.46 -1.44
N GLY D 16 50.16 -3.15 -1.24
CA GLY D 16 50.06 -4.56 -1.56
C GLY D 16 49.74 -4.86 -3.01
N SER D 17 49.64 -6.14 -3.31
CA SER D 17 49.38 -6.63 -4.66
C SER D 17 48.17 -7.54 -4.64
N LEU D 18 47.47 -7.64 -5.77
CA LEU D 18 46.32 -8.52 -5.85
C LEU D 18 46.12 -8.86 -7.31
N LYS D 19 45.76 -10.11 -7.57
CA LYS D 19 45.50 -10.56 -8.94
C LYS D 19 44.01 -10.86 -9.11
N LEU D 20 43.35 -10.16 -10.02
CA LEU D 20 41.96 -10.44 -10.38
C LEU D 20 41.88 -11.37 -11.59
N SER D 21 40.81 -12.15 -11.65
N SER D 21 40.80 -12.14 -11.66
CA SER D 21 40.55 -13.04 -12.77
CA SER D 21 40.57 -13.05 -12.77
C SER D 21 39.18 -12.74 -13.34
C SER D 21 39.14 -12.91 -13.29
N CYS D 22 38.98 -13.16 -14.58
CA CYS D 22 37.69 -13.02 -15.25
C CYS D 22 37.46 -14.21 -16.18
N ALA D 23 36.46 -15.02 -15.86
CA ALA D 23 36.19 -16.22 -16.63
C ALA D 23 35.20 -15.88 -17.74
N ALA D 24 35.59 -16.15 -18.99
CA ALA D 24 34.74 -15.86 -20.13
C ALA D 24 34.13 -17.12 -20.73
N SER D 25 32.87 -17.01 -21.11
CA SER D 25 32.20 -18.11 -21.78
C SER D 25 31.12 -17.59 -22.72
N GLY D 26 30.69 -18.44 -23.66
CA GLY D 26 29.55 -18.12 -24.50
C GLY D 26 29.90 -17.31 -25.73
N PHE D 27 31.19 -17.15 -25.98
CA PHE D 27 31.66 -16.48 -27.20
C PHE D 27 33.09 -16.90 -27.48
N THR D 28 33.57 -16.58 -28.67
CA THR D 28 34.94 -16.92 -29.06
C THR D 28 35.90 -15.90 -28.46
N PHE D 29 36.32 -16.17 -27.22
CA PHE D 29 37.15 -15.25 -26.42
C PHE D 29 38.35 -14.69 -27.19
N SER D 30 39.08 -15.54 -27.89
CA SER D 30 40.34 -15.11 -28.50
C SER D 30 40.15 -14.20 -29.71
N ARG D 31 38.92 -13.96 -30.13
CA ARG D 31 38.62 -13.02 -31.17
C ARG D 31 38.35 -11.60 -30.74
N TYR D 32 38.35 -11.36 -29.42
CA TYR D 32 37.97 -10.05 -28.92
C TYR D 32 39.01 -9.44 -28.00
N ALA D 33 39.25 -8.14 -28.18
CA ALA D 33 39.96 -7.38 -27.16
C ALA D 33 39.11 -7.38 -25.89
N MET D 34 39.77 -7.28 -24.74
CA MET D 34 39.08 -7.32 -23.44
C MET D 34 39.59 -6.19 -22.57
N SER D 35 38.75 -5.72 -21.65
CA SER D 35 39.08 -4.57 -20.83
C SER D 35 38.69 -4.76 -19.39
N TRP D 36 39.32 -3.98 -18.52
CA TRP D 36 38.87 -3.81 -17.13
C TRP D 36 38.44 -2.37 -16.96
N VAL D 37 37.34 -2.19 -16.22
CA VAL D 37 36.79 -0.87 -15.89
C VAL D 37 36.47 -0.92 -14.40
N ARG D 38 36.77 0.14 -13.67
CA ARG D 38 36.48 0.13 -12.23
C ARG D 38 35.52 1.24 -11.85
N GLN D 39 34.84 1.07 -10.71
CA GLN D 39 33.89 2.07 -10.26
C GLN D 39 34.16 2.38 -8.79
N THR D 40 34.37 3.66 -8.51
CA THR D 40 34.66 4.06 -7.13
C THR D 40 33.41 3.96 -6.27
N PRO D 41 33.59 4.02 -4.94
CA PRO D 41 32.41 4.02 -4.06
C PRO D 41 31.46 5.18 -4.37
N GLU D 42 32.00 6.28 -4.91
CA GLU D 42 31.19 7.43 -5.29
C GLU D 42 30.45 7.22 -6.62
N LYS D 43 30.68 6.06 -7.25
CA LYS D 43 29.97 5.60 -8.45
C LYS D 43 30.50 6.15 -9.77
N ARG D 44 31.72 6.69 -9.75
CA ARG D 44 32.36 7.11 -10.99
C ARG D 44 33.07 5.94 -11.66
N LEU D 45 32.91 5.83 -12.98
CA LEU D 45 33.53 4.77 -13.77
C LEU D 45 34.85 5.25 -14.39
N GLU D 46 35.84 4.37 -14.38
CA GLU D 46 37.16 4.65 -14.95
C GLU D 46 37.67 3.42 -15.69
N TRP D 47 37.94 3.59 -16.98
CA TRP D 47 38.63 2.54 -17.75
C TRP D 47 40.05 2.35 -17.19
N VAL D 48 40.42 1.07 -17.03
N VAL D 48 40.49 1.12 -16.98
CA VAL D 48 41.60 0.63 -16.29
CA VAL D 48 41.86 0.94 -16.48
C VAL D 48 42.68 0.02 -17.22
C VAL D 48 42.78 0.04 -17.28
N ALA D 49 42.26 -0.76 -18.20
CA ALA D 49 43.18 -1.52 -19.05
C ALA D 49 42.47 -2.16 -20.21
N THR D 50 43.17 -2.31 -21.35
CA THR D 50 42.69 -3.12 -22.46
C THR D 50 43.83 -3.99 -22.96
N ILE D 51 43.47 -5.19 -23.38
CA ILE D 51 44.42 -6.10 -24.03
C ILE D 51 43.85 -6.54 -25.36
N SER D 52 44.72 -6.60 -26.38
CA SER D 52 44.28 -7.01 -27.69
C SER D 52 43.83 -8.47 -27.71
N SER D 53 43.08 -8.82 -28.76
CA SER D 53 42.55 -10.18 -28.87
C SER D 53 43.63 -11.26 -28.71
N GLY D 54 44.78 -11.06 -29.35
CA GLY D 54 45.86 -12.05 -29.34
C GLY D 54 46.80 -11.91 -28.15
N GLY D 55 46.58 -10.89 -27.34
CA GLY D 55 47.34 -10.73 -26.10
C GLY D 55 48.62 -9.92 -26.24
N SER D 56 48.91 -9.51 -27.41
CA SER D 56 50.20 -8.85 -27.65
C SER D 56 50.26 -7.38 -27.29
N TYR D 57 49.18 -6.70 -27.30
CA TYR D 57 49.17 -5.26 -27.13
C TYR D 57 48.27 -4.91 -25.98
N SER D 58 48.77 -4.02 -25.12
N SER D 58 48.79 -4.10 -25.07
CA SER D 58 48.01 -3.54 -23.97
CA SER D 58 48.02 -3.72 -23.89
C SER D 58 48.01 -2.01 -23.94
C SER D 58 48.24 -2.25 -23.65
N TYR D 59 47.09 -1.46 -23.16
N TYR D 59 47.21 -1.59 -23.14
CA TYR D 59 46.94 -0.02 -23.03
CA TYR D 59 47.36 -0.18 -22.84
C TYR D 59 46.43 0.26 -21.63
C TYR D 59 46.53 0.21 -21.63
N TYR D 60 46.95 1.31 -21.00
CA TYR D 60 46.52 1.71 -19.66
C TYR D 60 46.48 3.20 -19.57
N PRO D 61 45.60 3.73 -18.71
CA PRO D 61 45.68 5.16 -18.40
C PRO D 61 46.80 5.43 -17.39
N ASP D 62 47.27 6.68 -17.36
CA ASP D 62 48.36 7.02 -16.46
C ASP D 62 48.06 6.74 -14.98
N SER D 63 46.78 6.75 -14.61
CA SER D 63 46.42 6.48 -13.22
C SER D 63 46.90 5.13 -12.71
N VAL D 64 47.05 4.15 -13.60
CA VAL D 64 47.48 2.82 -13.19
C VAL D 64 48.70 2.29 -13.94
N LYS D 65 49.11 3.00 -14.99
CA LYS D 65 50.26 2.57 -15.78
C LYS D 65 51.49 2.38 -14.90
N GLY D 66 52.17 1.25 -15.07
CA GLY D 66 53.36 0.95 -14.28
C GLY D 66 53.04 0.18 -13.01
N ARG D 67 51.76 0.11 -12.64
CA ARG D 67 51.36 -0.64 -11.44
C ARG D 67 50.45 -1.82 -11.76
N PHE D 68 49.67 -1.72 -12.84
CA PHE D 68 48.72 -2.77 -13.21
C PHE D 68 49.17 -3.42 -14.50
N THR D 69 48.96 -4.73 -14.60
CA THR D 69 49.25 -5.48 -15.82
C THR D 69 48.06 -6.33 -16.21
N ILE D 70 47.55 -6.13 -17.41
CA ILE D 70 46.49 -6.98 -17.94
C ILE D 70 47.11 -8.12 -18.74
N SER D 71 46.52 -9.30 -18.64
CA SER D 71 47.01 -10.44 -19.42
C SER D 71 45.84 -11.38 -19.72
N ARG D 72 46.03 -12.35 -20.59
CA ARG D 72 44.95 -13.27 -20.91
C ARG D 72 45.48 -14.65 -21.25
N ASP D 73 44.63 -15.65 -21.12
CA ASP D 73 44.93 -17.04 -21.47
C ASP D 73 43.89 -17.45 -22.49
N ASN D 74 44.32 -17.56 -23.75
CA ASN D 74 43.43 -17.85 -24.87
C ASN D 74 43.23 -19.34 -25.12
N VAL D 75 43.64 -20.17 -24.18
CA VAL D 75 43.25 -21.56 -24.16
C VAL D 75 42.20 -21.79 -23.07
N LYS D 76 42.45 -21.24 -21.88
CA LYS D 76 41.51 -21.37 -20.76
C LYS D 76 40.40 -20.33 -20.79
N ASN D 77 40.52 -19.35 -21.67
CA ASN D 77 39.52 -18.30 -21.84
C ASN D 77 39.33 -17.50 -20.57
N THR D 78 40.46 -16.97 -20.09
N THR D 78 40.45 -16.97 -20.09
CA THR D 78 40.48 -16.21 -18.84
CA THR D 78 40.44 -16.17 -18.86
C THR D 78 41.24 -14.91 -19.04
C THR D 78 41.24 -14.90 -19.04
N LEU D 79 40.78 -13.84 -18.40
CA LEU D 79 41.42 -12.54 -18.43
C LEU D 79 41.93 -12.27 -17.01
N TYR D 80 43.07 -11.58 -16.88
CA TYR D 80 43.65 -11.29 -15.57
C TYR D 80 43.98 -9.83 -15.44
N LEU D 81 44.00 -9.34 -14.19
CA LEU D 81 44.56 -8.03 -13.90
C LEU D 81 45.46 -8.17 -12.69
N GLN D 82 46.77 -7.98 -12.87
CA GLN D 82 47.69 -8.03 -11.75
C GLN D 82 47.90 -6.60 -11.29
N MET D 83 47.59 -6.35 -10.02
CA MET D 83 47.75 -5.02 -9.45
C MET D 83 48.87 -5.04 -8.44
N SER D 84 49.60 -3.95 -8.36
CA SER D 84 50.67 -3.83 -7.38
C SER D 84 50.75 -2.39 -6.91
N SER D 85 51.52 -2.17 -5.85
CA SER D 85 51.64 -0.84 -5.27
C SER D 85 50.28 -0.19 -5.08
N LEU D 86 49.34 -0.96 -4.52
CA LEU D 86 47.96 -0.47 -4.38
C LEU D 86 47.83 0.70 -3.40
N ARG D 87 46.88 1.57 -3.69
CA ARG D 87 46.66 2.77 -2.89
C ARG D 87 45.18 2.77 -2.48
N SER D 88 44.84 3.46 -1.39
CA SER D 88 43.43 3.45 -0.97
C SER D 88 42.49 3.94 -2.09
N GLU D 89 42.94 4.88 -2.92
CA GLU D 89 42.12 5.38 -4.03
C GLU D 89 41.91 4.36 -5.16
N ASP D 90 42.61 3.24 -5.10
CA ASP D 90 42.32 2.12 -6.01
C ASP D 90 41.11 1.30 -5.55
N THR D 91 40.55 1.62 -4.38
CA THR D 91 39.36 0.94 -3.88
C THR D 91 38.21 1.14 -4.86
N ALA D 92 37.61 0.05 -5.30
CA ALA D 92 36.60 0.12 -6.36
C ALA D 92 36.01 -1.23 -6.61
N MET D 93 34.86 -1.23 -7.29
CA MET D 93 34.36 -2.45 -7.92
C MET D 93 35.06 -2.59 -9.27
N TYR D 94 35.66 -3.75 -9.51
CA TYR D 94 36.38 -3.99 -10.78
C TYR D 94 35.57 -4.89 -11.68
N TYR D 95 35.33 -4.43 -12.91
CA TYR D 95 34.55 -5.14 -13.89
C TYR D 95 35.41 -5.54 -15.07
N CYS D 96 35.14 -6.72 -15.61
N CYS D 96 35.14 -6.72 -15.62
CA CYS D 96 35.70 -7.15 -16.89
CA CYS D 96 35.70 -7.15 -16.89
C CYS D 96 34.65 -6.99 -17.98
C CYS D 96 34.65 -6.99 -17.99
N ALA D 97 35.07 -6.59 -19.17
CA ALA D 97 34.16 -6.33 -20.27
C ALA D 97 34.81 -6.72 -21.59
N ARG D 98 33.99 -7.09 -22.55
CA ARG D 98 34.46 -7.39 -23.90
C ARG D 98 34.42 -6.15 -24.77
N ASP D 99 35.46 -5.92 -25.57
CA ASP D 99 35.40 -4.79 -26.50
C ASP D 99 34.66 -5.15 -27.78
N SER D 100 33.47 -4.63 -27.94
CA SER D 100 32.79 -4.79 -29.23
C SER D 100 31.76 -3.68 -29.37
N GLY D 101 32.16 -2.64 -30.09
CA GLY D 101 31.30 -1.49 -30.26
C GLY D 101 31.51 -0.56 -29.10
N GLY D 102 31.08 -0.99 -27.92
CA GLY D 102 31.52 -0.37 -26.69
C GLY D 102 32.04 -1.47 -25.78
N PHE D 103 31.99 -1.22 -24.48
N PHE D 103 31.94 -1.23 -24.47
CA PHE D 103 32.19 -2.27 -23.47
CA PHE D 103 32.28 -2.26 -23.48
C PHE D 103 30.90 -3.05 -23.52
C PHE D 103 31.04 -3.12 -23.20
N ALA D 104 30.94 -4.17 -24.24
N ALA D 104 31.04 -4.32 -23.76
CA ALA D 104 29.69 -4.72 -24.88
CA ALA D 104 29.87 -5.24 -23.65
C ALA D 104 29.07 -5.62 -23.98
C ALA D 104 29.99 -6.43 -22.76
N TYR D 105 29.85 -6.22 -23.14
N TYR D 105 28.89 -6.83 -22.23
CA TYR D 105 29.38 -7.07 -22.06
CA TYR D 105 28.80 -7.99 -21.50
C TYR D 105 30.22 -6.84 -20.81
C TYR D 105 29.53 -7.97 -20.13
N TRP D 106 29.56 -6.98 -19.66
N TRP D 106 29.40 -6.88 -19.46
CA TRP D 106 30.21 -6.76 -18.35
CA TRP D 106 30.12 -6.68 -18.22
C TRP D 106 29.88 -7.89 -17.38
C TRP D 106 29.82 -7.82 -17.26
N GLY D 107 30.82 -8.22 -16.50
CA GLY D 107 30.57 -9.14 -15.41
C GLY D 107 29.85 -8.43 -14.25
N GLN D 108 29.60 -9.17 -13.18
CA GLN D 108 28.92 -8.64 -12.01
C GLN D 108 29.83 -7.74 -11.16
N GLY D 109 31.13 -7.85 -11.39
CA GLY D 109 32.12 -7.07 -10.65
C GLY D 109 32.69 -7.78 -9.42
N THR D 110 33.92 -7.43 -9.09
CA THR D 110 34.53 -7.93 -7.86
C THR D 110 35.10 -6.76 -7.06
N LEU D 111 34.85 -6.74 -5.75
CA LEU D 111 35.16 -5.55 -4.95
C LEU D 111 36.57 -5.62 -4.37
N VAL D 112 37.38 -4.62 -4.69
CA VAL D 112 38.72 -4.47 -4.13
C VAL D 112 38.74 -3.35 -3.11
N THR D 113 39.08 -3.69 -1.87
CA THR D 113 39.13 -2.68 -0.81
C THR D 113 40.59 -2.53 -0.39
N VAL D 114 41.15 -1.34 -0.60
CA VAL D 114 42.53 -1.08 -0.21
C VAL D 114 42.50 -0.24 1.06
N SER D 115 42.83 -0.87 2.18
CA SER D 115 42.69 -0.22 3.48
C SER D 115 43.59 -0.88 4.50
N ALA D 116 43.99 -0.08 5.49
CA ALA D 116 44.79 -0.56 6.61
C ALA D 116 43.94 -1.14 7.73
N ALA D 117 42.62 -1.00 7.62
CA ALA D 117 41.72 -1.44 8.69
C ALA D 117 41.61 -2.97 8.77
N LYS D 118 41.33 -3.51 9.93
CA LYS D 118 41.38 -4.93 10.11
C LYS D 118 40.09 -5.64 9.83
N THR D 119 40.17 -6.82 9.34
CA THR D 119 39.03 -7.71 9.12
C THR D 119 38.34 -8.04 10.44
N THR D 120 37.02 -7.89 10.45
CA THR D 120 36.23 -8.06 11.67
C THR D 120 34.89 -8.67 11.32
N PRO D 121 34.49 -9.75 12.01
CA PRO D 121 33.19 -10.35 11.71
C PRO D 121 32.05 -9.52 12.28
N PRO D 122 30.86 -9.64 11.68
CA PRO D 122 29.72 -8.87 12.18
C PRO D 122 29.17 -9.44 13.48
N SER D 123 28.60 -8.56 14.30
CA SER D 123 27.74 -8.97 15.41
C SER D 123 26.34 -8.85 14.86
N VAL D 124 25.56 -9.91 14.97
CA VAL D 124 24.23 -9.95 14.40
C VAL D 124 23.19 -9.98 15.51
N TYR D 125 22.32 -8.98 15.51
CA TYR D 125 21.30 -8.87 16.55
C TYR D 125 19.90 -8.90 15.97
N PRO D 126 18.98 -9.58 16.64
CA PRO D 126 17.59 -9.62 16.16
C PRO D 126 16.87 -8.31 16.46
N LEU D 127 15.95 -7.92 15.59
CA LEU D 127 15.08 -6.79 15.86
C LEU D 127 13.65 -7.29 15.95
N ALA D 128 13.14 -7.35 17.17
CA ALA D 128 11.78 -7.84 17.44
C ALA D 128 10.99 -6.72 18.08
N PRO D 129 9.69 -6.67 17.78
CA PRO D 129 8.81 -5.63 18.33
C PRO D 129 8.60 -5.81 19.83
N THR D 134 -0.06 -3.98 20.51
CA THR D 134 0.82 -3.51 19.45
C THR D 134 0.86 -4.49 18.28
N THR D 135 -0.27 -4.68 17.63
CA THR D 135 -0.36 -5.60 16.49
C THR D 135 -1.19 -5.00 15.36
N GLY D 136 -1.06 -5.60 14.17
CA GLY D 136 -1.83 -5.22 13.00
C GLY D 136 -1.93 -6.44 12.11
N SER D 137 -2.28 -6.26 10.85
CA SER D 137 -2.35 -7.40 9.93
C SER D 137 -0.94 -7.87 9.51
N SER D 138 -0.01 -6.91 9.35
CA SER D 138 1.39 -7.21 9.03
C SER D 138 2.30 -6.80 10.19
N VAL D 139 3.43 -7.51 10.31
CA VAL D 139 4.40 -7.22 11.33
C VAL D 139 5.77 -7.12 10.70
N THR D 140 6.56 -6.14 11.14
CA THR D 140 7.90 -5.94 10.58
C THR D 140 8.95 -6.39 11.57
N LEU D 141 9.86 -7.23 11.10
CA LEU D 141 10.96 -7.72 11.91
C LEU D 141 12.26 -7.27 11.24
N GLY D 142 13.38 -7.53 11.89
CA GLY D 142 14.63 -7.16 11.27
C GLY D 142 15.85 -7.78 11.87
N CYS D 143 16.99 -7.48 11.26
N CYS D 143 16.99 -7.48 11.26
CA CYS D 143 18.28 -7.99 11.71
CA CYS D 143 18.28 -7.99 11.71
C CYS D 143 19.36 -6.91 11.55
C CYS D 143 19.36 -6.91 11.55
N LEU D 144 20.02 -6.59 12.66
CA LEU D 144 21.04 -5.57 12.69
C LEU D 144 22.41 -6.25 12.59
N VAL D 145 23.19 -5.87 11.57
CA VAL D 145 24.47 -6.50 11.30
C VAL D 145 25.55 -5.45 11.54
N LYS D 146 26.17 -5.52 12.71
CA LYS D 146 26.95 -4.41 13.22
C LYS D 146 28.43 -4.69 13.36
N GLY D 147 29.25 -3.69 13.00
CA GLY D 147 30.67 -3.69 13.30
C GLY D 147 31.53 -4.68 12.54
N TYR D 148 31.32 -4.80 11.23
CA TYR D 148 32.15 -5.69 10.43
C TYR D 148 33.03 -4.94 9.45
N PHE D 149 34.04 -5.63 8.95
CA PHE D 149 34.91 -5.08 7.91
C PHE D 149 35.62 -6.24 7.22
N PRO D 150 35.77 -6.19 5.89
CA PRO D 150 35.28 -5.22 4.90
C PRO D 150 33.88 -5.65 4.43
N GLU D 151 33.33 -4.90 3.49
CA GLU D 151 32.22 -5.39 2.69
C GLU D 151 32.72 -6.53 1.79
N PRO D 152 31.82 -7.40 1.31
CA PRO D 152 30.37 -7.40 1.52
C PRO D 152 29.90 -8.38 2.58
N VAL D 153 28.64 -8.20 2.97
CA VAL D 153 27.90 -9.26 3.64
C VAL D 153 26.67 -9.55 2.81
N THR D 154 26.10 -10.73 2.99
CA THR D 154 24.83 -11.05 2.35
C THR D 154 23.85 -11.44 3.44
N VAL D 155 22.61 -10.99 3.29
CA VAL D 155 21.57 -11.31 4.24
C VAL D 155 20.44 -12.01 3.52
N THR D 156 19.96 -13.10 4.12
CA THR D 156 18.74 -13.76 3.67
C THR D 156 17.85 -13.95 4.88
N TRP D 157 16.60 -14.34 4.62
CA TRP D 157 15.63 -14.64 5.66
C TRP D 157 15.11 -16.06 5.47
N ASN D 158 15.04 -16.82 6.55
CA ASN D 158 14.60 -18.21 6.48
C ASN D 158 15.32 -18.96 5.35
N SER D 159 16.64 -18.81 5.32
CA SER D 159 17.48 -19.47 4.32
C SER D 159 17.06 -19.15 2.89
N GLY D 160 16.49 -17.97 2.69
CA GLY D 160 16.09 -17.54 1.36
C GLY D 160 14.66 -17.89 1.01
N SER D 161 13.98 -18.64 1.87
CA SER D 161 12.57 -18.98 1.67
C SER D 161 11.69 -17.75 1.78
N LEU D 162 12.18 -16.75 2.49
CA LEU D 162 11.42 -15.53 2.74
C LEU D 162 12.10 -14.38 2.00
N SER D 163 11.55 -13.99 0.86
CA SER D 163 12.16 -12.94 0.04
C SER D 163 11.22 -11.75 -0.17
N SER D 164 9.93 -12.02 -0.15
CA SER D 164 8.93 -10.96 -0.30
C SER D 164 8.90 -10.09 0.96
N GLY D 165 8.75 -8.78 0.76
CA GLY D 165 8.64 -7.84 1.87
C GLY D 165 9.94 -7.61 2.60
N VAL D 166 11.07 -7.88 1.94
CA VAL D 166 12.39 -7.68 2.53
C VAL D 166 13.06 -6.40 2.02
N HIS D 167 13.65 -5.63 2.93
CA HIS D 167 14.48 -4.48 2.56
C HIS D 167 15.84 -4.65 3.24
N THR D 168 16.89 -4.77 2.45
CA THR D 168 18.23 -4.80 3.03
C THR D 168 18.96 -3.52 2.67
N PHE D 169 19.35 -2.77 3.70
CA PHE D 169 19.89 -1.42 3.52
C PHE D 169 21.37 -1.44 3.20
N PRO D 170 21.81 -0.50 2.35
CA PRO D 170 23.23 -0.43 2.05
C PRO D 170 24.04 -0.19 3.31
N ALA D 171 25.20 -0.85 3.38
CA ALA D 171 26.09 -0.69 4.51
C ALA D 171 26.62 0.73 4.54
N VAL D 172 26.88 1.21 5.74
CA VAL D 172 27.50 2.51 5.93
C VAL D 172 28.75 2.34 6.80
N LEU D 173 29.85 2.90 6.31
CA LEU D 173 31.15 2.83 6.98
C LEU D 173 31.31 4.00 7.94
N GLN D 174 31.60 3.68 9.20
CA GLN D 174 31.95 4.70 10.19
C GLN D 174 33.08 4.17 11.07
N SER D 175 34.18 4.91 11.14
CA SER D 175 35.30 4.54 11.99
C SER D 175 35.85 3.14 11.67
N ASP D 176 35.93 2.84 10.38
CA ASP D 176 36.50 1.59 9.87
C ASP D 176 35.67 0.33 10.16
N LEU D 177 34.41 0.52 10.53
CA LEU D 177 33.50 -0.60 10.68
C LEU D 177 32.20 -0.29 9.96
N TYR D 178 31.66 -1.29 9.28
CA TYR D 178 30.39 -1.15 8.59
C TYR D 178 29.25 -1.60 9.47
N THR D 179 28.09 -1.00 9.26
CA THR D 179 26.85 -1.50 9.83
C THR D 179 25.80 -1.54 8.75
N LEU D 180 24.99 -2.58 8.75
CA LEU D 180 23.79 -2.58 7.92
C LEU D 180 22.65 -3.23 8.66
N SER D 181 21.48 -3.13 8.07
CA SER D 181 20.31 -3.75 8.67
C SER D 181 19.44 -4.28 7.56
N SER D 182 18.54 -5.18 7.92
CA SER D 182 17.59 -5.72 6.96
C SER D 182 16.23 -5.80 7.65
N SER D 183 15.18 -5.40 6.95
CA SER D 183 13.84 -5.56 7.51
C SER D 183 13.03 -6.53 6.66
N VAL D 184 12.12 -7.24 7.32
CA VAL D 184 11.22 -8.13 6.64
C VAL D 184 9.82 -7.95 7.24
N THR D 185 8.82 -7.92 6.38
N THR D 185 8.82 -7.91 6.38
CA THR D 185 7.44 -7.74 6.82
CA THR D 185 7.45 -7.74 6.82
C THR D 185 6.62 -8.96 6.45
C THR D 185 6.63 -8.97 6.45
N VAL D 186 5.99 -9.57 7.45
CA VAL D 186 5.19 -10.76 7.23
C VAL D 186 3.81 -10.63 7.88
N PRO D 187 2.86 -11.46 7.46
CA PRO D 187 1.54 -11.44 8.09
C PRO D 187 1.66 -11.74 9.59
N SER D 188 0.92 -11.00 10.41
CA SER D 188 0.96 -11.18 11.86
C SER D 188 0.56 -12.58 12.29
N SER D 189 -0.14 -13.29 11.41
CA SER D 189 -0.57 -14.66 11.71
C SER D 189 0.56 -15.67 11.50
N THR D 190 1.64 -15.21 10.86
CA THR D 190 2.78 -16.06 10.55
C THR D 190 3.83 -16.00 11.65
N TRP D 191 3.86 -14.90 12.38
CA TRP D 191 4.83 -14.71 13.43
C TRP D 191 4.12 -14.30 14.71
N PRO D 192 4.52 -14.86 15.86
CA PRO D 192 5.67 -15.76 16.03
C PRO D 192 5.30 -17.23 15.88
N SER D 193 4.05 -17.54 15.52
CA SER D 193 3.62 -18.93 15.40
C SER D 193 4.59 -19.73 14.52
N GLN D 194 5.16 -19.07 13.53
CA GLN D 194 6.12 -19.69 12.64
C GLN D 194 7.41 -18.89 12.82
N SER D 195 8.53 -19.56 12.76
CA SER D 195 9.81 -18.90 13.01
C SER D 195 10.29 -18.00 11.88
N VAL D 196 10.97 -16.93 12.25
CA VAL D 196 11.68 -16.09 11.29
C VAL D 196 13.11 -15.92 11.77
N THR D 197 14.06 -16.22 10.88
N THR D 197 14.07 -16.18 10.88
CA THR D 197 15.47 -16.10 11.18
CA THR D 197 15.48 -16.11 11.23
C THR D 197 16.19 -15.38 10.05
C THR D 197 16.31 -15.52 10.09
N CYS D 198 17.18 -14.58 10.42
CA CYS D 198 18.00 -13.97 9.42
C CYS D 198 19.30 -14.76 9.28
N ASN D 199 19.78 -14.89 8.05
CA ASN D 199 21.03 -15.58 7.80
C ASN D 199 22.04 -14.60 7.26
N VAL D 200 23.18 -14.46 7.95
CA VAL D 200 24.15 -13.44 7.58
C VAL D 200 25.48 -14.08 7.23
N ALA D 201 25.93 -13.85 6.01
CA ALA D 201 27.21 -14.37 5.54
C ALA D 201 28.22 -13.24 5.36
N HIS D 202 29.42 -13.45 5.88
CA HIS D 202 30.52 -12.50 5.70
C HIS D 202 31.72 -13.27 5.19
N PRO D 203 31.91 -13.32 3.87
CA PRO D 203 33.01 -14.08 3.28
C PRO D 203 34.37 -13.78 3.89
N ALA D 204 34.67 -12.51 4.19
CA ALA D 204 36.03 -12.18 4.64
C ALA D 204 36.38 -12.91 5.92
N SER D 205 35.41 -13.12 6.80
CA SER D 205 35.64 -13.82 8.05
C SER D 205 35.17 -15.27 8.01
N SER D 206 34.78 -15.74 6.84
CA SER D 206 34.30 -17.12 6.65
C SER D 206 33.12 -17.43 7.55
N THR D 207 32.35 -16.42 7.93
CA THR D 207 31.23 -16.71 8.81
C THR D 207 29.88 -16.72 8.10
N LYS D 208 29.01 -17.59 8.61
CA LYS D 208 27.61 -17.68 8.21
C LYS D 208 26.85 -17.95 9.49
N VAL D 209 26.11 -16.96 9.97
CA VAL D 209 25.39 -17.09 11.23
C VAL D 209 23.89 -16.94 11.03
N ASP D 210 23.12 -17.64 11.85
CA ASP D 210 21.67 -17.53 11.83
C ASP D 210 21.21 -16.87 13.11
N LYS D 211 20.28 -15.92 12.99
CA LYS D 211 19.74 -15.29 14.19
C LYS D 211 18.22 -15.35 14.20
N LYS D 212 17.67 -16.14 15.12
CA LYS D 212 16.23 -16.28 15.25
C LYS D 212 15.66 -15.01 15.88
N ILE D 213 14.57 -14.51 15.31
CA ILE D 213 13.87 -13.38 15.90
C ILE D 213 12.90 -13.89 16.97
N GLU D 214 13.29 -13.81 18.23
CA GLU D 214 12.46 -14.32 19.31
C GLU D 214 11.66 -13.19 19.97
N PRO D 215 10.36 -13.43 20.17
CA PRO D 215 9.46 -12.47 20.84
C PRO D 215 9.98 -12.07 22.22
O1 PE4 E . -36.10 6.20 24.90
C1 PE4 E . -37.14 5.35 24.35
C2 PE4 E . -37.00 3.95 24.97
O2 PE4 E . -37.18 4.02 26.41
C3 PE4 E . -36.93 2.76 27.02
C4 PE4 E . -37.24 2.91 28.51
O3 PE4 E . -36.97 1.68 29.17
C5 PE4 E . -37.50 1.75 30.51
C6 PE4 E . -37.24 0.46 31.27
O4 PE4 E . -35.83 0.25 31.41
O1 PE4 F . -31.42 1.63 3.09
C1 PE4 F . -32.24 1.43 4.24
C2 PE4 F . -31.48 1.78 5.53
O2 PE4 F . -30.34 0.94 5.52
C3 PE4 F . -29.46 1.03 6.66
C4 PE4 F . -30.09 0.52 7.93
O1 PE4 G . -44.01 0.58 27.70
C1 PE4 G . -43.67 1.95 27.40
C2 PE4 G . -44.45 2.35 26.14
O2 PE4 G . -44.45 3.59 25.44
C3 PE4 G . -44.83 4.79 26.16
C4 PE4 G . -43.85 5.48 27.12
O3 PE4 G . -44.58 6.61 27.67
C5 PE4 G . -43.68 7.62 28.22
C6 PE4 G . -42.62 7.28 29.25
O4 PE4 G . -41.95 8.54 29.48
C7 PE4 G . -40.82 8.40 30.35
C8 PE4 G . -40.11 9.75 30.54
O5 PE4 G . -41.02 10.70 31.12
C9 PE4 G . -40.37 11.97 31.33
O1 PE4 H . 34.71 2.50 -26.39
C1 PE4 H . 35.85 1.79 -25.87
C2 PE4 H . 35.70 0.29 -26.16
O2 PE4 H . 35.63 0.23 -27.59
C3 PE4 H . 35.49 -1.13 -28.04
C4 PE4 H . 35.37 -1.05 -29.56
O3 PE4 H . 35.23 -2.34 -30.15
#